data_2MRF
#
_entry.id   2MRF
#
loop_
_entity.id
_entity.type
_entity.pdbx_description
1 polymer 'E3 ubiquitin-protein ligase RAD18'
2 non-polymer 'ZINC ION'
#
_entity_poly.entity_id   1
_entity_poly.type   'polypeptide(L)'
_entity_poly.pdbx_seq_one_letter_code
;GSRQVTKVDCPVCGVNIPESHINKHLDSCLSRE
;
_entity_poly.pdbx_strand_id   A
#
loop_
_chem_comp.id
_chem_comp.type
_chem_comp.name
_chem_comp.formula
ZN non-polymer 'ZINC ION' 'Zn 2'
#
# COMPACT_ATOMS: atom_id res chain seq x y z
N GLY A 1 14.08 -9.13 -1.63
CA GLY A 1 12.87 -9.74 -1.02
C GLY A 1 12.28 -10.88 -1.86
N SER A 2 13.11 -11.52 -2.72
CA SER A 2 12.69 -12.67 -3.54
C SER A 2 12.50 -13.92 -2.66
N ARG A 3 11.32 -13.99 -2.04
CA ARG A 3 10.95 -15.04 -1.08
C ARG A 3 9.42 -15.21 -1.11
N GLN A 4 8.71 -14.22 -0.51
CA GLN A 4 7.24 -14.12 -0.49
C GLN A 4 6.87 -12.67 -0.16
N VAL A 5 6.34 -11.93 -1.16
CA VAL A 5 5.88 -10.54 -1.00
C VAL A 5 4.99 -10.13 -2.19
N THR A 6 3.83 -9.53 -1.90
CA THR A 6 2.91 -9.02 -2.93
C THR A 6 2.83 -7.48 -2.85
N LYS A 7 2.56 -6.82 -3.99
CA LYS A 7 2.31 -5.37 -4.06
C LYS A 7 0.89 -5.12 -4.57
N VAL A 8 0.21 -4.08 -4.05
CA VAL A 8 -1.17 -3.73 -4.49
C VAL A 8 -1.35 -2.21 -4.50
N ASP A 9 -2.51 -1.74 -5.04
CA ASP A 9 -2.86 -0.31 -5.16
C ASP A 9 -3.44 0.24 -3.83
N CYS A 10 -3.15 1.52 -3.58
CA CYS A 10 -3.67 2.27 -2.40
C CYS A 10 -5.05 2.82 -2.76
N PRO A 11 -6.15 2.25 -2.20
CA PRO A 11 -7.55 2.60 -2.61
C PRO A 11 -7.86 4.12 -2.53
N VAL A 12 -7.11 4.83 -1.67
CA VAL A 12 -7.31 6.26 -1.43
C VAL A 12 -6.55 7.15 -2.46
N CYS A 13 -5.21 6.95 -2.61
CA CYS A 13 -4.34 7.87 -3.41
C CYS A 13 -3.86 7.24 -4.74
N GLY A 14 -3.92 5.90 -4.84
CA GLY A 14 -3.71 5.18 -6.11
C GLY A 14 -2.25 4.92 -6.44
N VAL A 15 -1.50 4.40 -5.46
CA VAL A 15 -0.07 4.05 -5.62
C VAL A 15 0.17 2.54 -5.35
N ASN A 16 1.14 1.95 -6.07
CA ASN A 16 1.49 0.52 -5.92
C ASN A 16 2.75 0.34 -5.06
N ILE A 17 2.63 -0.50 -4.01
CA ILE A 17 3.69 -0.75 -3.01
C ILE A 17 3.49 -2.11 -2.33
N PRO A 18 4.60 -2.75 -1.76
CA PRO A 18 4.52 -4.07 -1.08
C PRO A 18 3.54 -4.07 0.11
N GLU A 19 3.06 -5.28 0.45
CA GLU A 19 1.93 -5.52 1.37
C GLU A 19 2.05 -4.77 2.72
N SER A 20 3.26 -4.70 3.26
CA SER A 20 3.55 -3.98 4.51
C SER A 20 3.38 -2.44 4.32
N HIS A 21 4.03 -1.92 3.25
CA HIS A 21 4.14 -0.48 2.99
C HIS A 21 2.78 0.10 2.51
N ILE A 22 2.00 -0.73 1.81
CA ILE A 22 0.71 -0.33 1.22
C ILE A 22 -0.38 -0.26 2.30
N ASN A 23 -0.38 -1.24 3.21
CA ASN A 23 -1.33 -1.27 4.34
C ASN A 23 -1.19 -0.02 5.19
N LYS A 24 0.08 0.35 5.46
CA LYS A 24 0.41 1.59 6.19
C LYS A 24 -0.02 2.84 5.38
N HIS A 25 0.26 2.82 4.05
CA HIS A 25 -0.01 3.99 3.16
C HIS A 25 -1.49 4.33 3.17
N LEU A 26 -2.34 3.32 2.92
CA LEU A 26 -3.79 3.50 2.76
C LEU A 26 -4.46 3.87 4.10
N ASP A 27 -3.86 3.36 5.21
CA ASP A 27 -4.30 3.66 6.58
C ASP A 27 -4.10 5.16 6.91
N SER A 28 -2.91 5.66 6.58
CA SER A 28 -2.52 7.06 6.79
C SER A 28 -3.19 7.98 5.73
N CYS A 29 -3.49 7.39 4.55
CA CYS A 29 -4.11 8.11 3.41
C CYS A 29 -5.61 8.32 3.63
N LEU A 30 -6.24 7.38 4.36
CA LEU A 30 -7.67 7.45 4.74
C LEU A 30 -7.91 8.74 5.57
N SER A 31 -6.84 9.19 6.25
CA SER A 31 -6.82 10.44 7.00
C SER A 31 -6.42 11.62 6.08
N ARG A 32 -5.27 11.48 5.39
CA ARG A 32 -4.66 12.58 4.61
C ARG A 32 -4.24 12.12 3.20
N GLU A 33 -5.22 12.10 2.26
CA GLU A 33 -4.98 11.99 0.80
C GLU A 33 -4.27 10.65 0.36
ZN ZN B . -1.53 6.11 -0.28
N GLY A 1 16.76 -8.57 -4.32
CA GLY A 1 16.22 -8.59 -2.95
C GLY A 1 14.99 -9.47 -2.82
N SER A 2 13.94 -8.95 -2.17
CA SER A 2 12.67 -9.68 -1.93
C SER A 2 11.90 -9.89 -3.25
N ARG A 3 12.10 -11.06 -3.87
CA ARG A 3 11.42 -11.45 -5.12
C ARG A 3 9.97 -11.88 -4.84
N GLN A 4 9.76 -12.54 -3.68
CA GLN A 4 8.44 -12.91 -3.18
C GLN A 4 7.98 -11.86 -2.15
N VAL A 5 7.01 -11.03 -2.56
CA VAL A 5 6.31 -10.05 -1.71
C VAL A 5 5.15 -9.47 -2.53
N THR A 6 3.91 -9.63 -2.03
CA THR A 6 2.72 -9.22 -2.78
C THR A 6 2.50 -7.70 -2.64
N LYS A 7 2.05 -7.08 -3.72
CA LYS A 7 1.89 -5.61 -3.83
C LYS A 7 0.47 -5.29 -4.31
N VAL A 8 -0.13 -4.22 -3.76
CA VAL A 8 -1.51 -3.80 -4.14
C VAL A 8 -1.59 -2.26 -4.21
N ASP A 9 -2.61 -1.77 -4.96
CA ASP A 9 -2.84 -0.32 -5.17
C ASP A 9 -3.51 0.30 -3.93
N CYS A 10 -3.17 1.56 -3.67
CA CYS A 10 -3.68 2.32 -2.50
C CYS A 10 -5.05 2.89 -2.84
N PRO A 11 -6.17 2.33 -2.25
CA PRO A 11 -7.56 2.71 -2.63
C PRO A 11 -7.81 4.24 -2.55
N VAL A 12 -7.07 4.91 -1.65
CA VAL A 12 -7.27 6.33 -1.35
C VAL A 12 -6.50 7.25 -2.34
N CYS A 13 -5.22 6.92 -2.67
CA CYS A 13 -4.35 7.83 -3.51
C CYS A 13 -3.93 7.16 -4.84
N GLY A 14 -3.83 5.82 -4.86
CA GLY A 14 -3.71 5.03 -6.11
C GLY A 14 -2.30 4.56 -6.47
N VAL A 15 -1.42 4.43 -5.47
CA VAL A 15 -0.03 3.94 -5.68
C VAL A 15 0.13 2.45 -5.26
N ASN A 16 0.82 1.67 -6.11
CA ASN A 16 1.09 0.23 -5.86
C ASN A 16 2.39 0.08 -5.07
N ILE A 17 2.33 -0.71 -3.99
CA ILE A 17 3.43 -0.90 -3.03
C ILE A 17 3.28 -2.25 -2.30
N PRO A 18 4.40 -2.85 -1.76
CA PRO A 18 4.36 -4.15 -1.03
C PRO A 18 3.46 -4.13 0.20
N GLU A 19 2.99 -5.34 0.57
CA GLU A 19 1.96 -5.61 1.59
C GLU A 19 2.13 -4.81 2.91
N SER A 20 3.38 -4.64 3.35
CA SER A 20 3.72 -3.86 4.56
C SER A 20 3.51 -2.35 4.32
N HIS A 21 4.10 -1.83 3.24
CA HIS A 21 4.15 -0.38 2.96
C HIS A 21 2.78 0.14 2.49
N ILE A 22 1.97 -0.74 1.88
CA ILE A 22 0.65 -0.39 1.36
C ILE A 22 -0.39 -0.35 2.50
N ASN A 23 -0.32 -1.33 3.44
CA ASN A 23 -1.24 -1.36 4.60
C ASN A 23 -1.09 -0.03 5.39
N LYS A 24 0.18 0.39 5.55
CA LYS A 24 0.54 1.68 6.16
C LYS A 24 -0.01 2.86 5.33
N HIS A 25 0.22 2.83 3.99
CA HIS A 25 -0.09 3.97 3.10
C HIS A 25 -1.57 4.27 3.10
N LEU A 26 -2.37 3.24 2.81
CA LEU A 26 -3.83 3.37 2.66
C LEU A 26 -4.47 3.75 4.00
N ASP A 27 -3.88 3.28 5.11
CA ASP A 27 -4.32 3.63 6.47
C ASP A 27 -4.16 5.13 6.73
N SER A 28 -2.90 5.60 6.57
CA SER A 28 -2.50 7.01 6.79
C SER A 28 -3.21 7.95 5.79
N CYS A 29 -3.44 7.43 4.58
CA CYS A 29 -4.11 8.14 3.47
C CYS A 29 -5.61 8.34 3.77
N LEU A 30 -6.24 7.28 4.28
CA LEU A 30 -7.67 7.28 4.68
C LEU A 30 -7.85 8.20 5.90
N SER A 31 -6.81 8.22 6.75
CA SER A 31 -6.78 8.99 7.99
C SER A 31 -6.37 10.46 7.72
N ARG A 32 -5.91 10.75 6.49
CA ARG A 32 -5.53 12.12 6.08
C ARG A 32 -6.79 12.89 5.63
N GLU A 33 -7.60 12.25 4.79
CA GLU A 33 -8.82 12.86 4.23
C GLU A 33 -10.03 12.54 5.14
ZN ZN B . -1.57 6.16 -0.32
N GLY A 1 15.41 -17.90 -1.23
CA GLY A 1 15.68 -17.11 -2.45
C GLY A 1 15.39 -15.63 -2.25
N SER A 2 14.76 -14.98 -3.25
CA SER A 2 14.36 -13.57 -3.19
C SER A 2 13.22 -13.37 -2.15
N ARG A 3 13.23 -12.22 -1.45
CA ARG A 3 12.29 -11.92 -0.36
C ARG A 3 10.89 -11.65 -0.94
N GLN A 4 10.01 -12.67 -0.87
CA GLN A 4 8.65 -12.60 -1.42
C GLN A 4 7.78 -11.59 -0.65
N VAL A 5 6.97 -10.82 -1.41
CA VAL A 5 6.13 -9.76 -0.88
C VAL A 5 5.20 -9.26 -2.02
N THR A 6 3.89 -9.37 -1.82
CA THR A 6 2.89 -9.03 -2.84
C THR A 6 2.61 -7.51 -2.84
N LYS A 7 2.32 -6.93 -4.01
CA LYS A 7 2.07 -5.48 -4.16
C LYS A 7 0.66 -5.22 -4.68
N VAL A 8 0.01 -4.16 -4.14
CA VAL A 8 -1.34 -3.72 -4.57
C VAL A 8 -1.40 -2.17 -4.57
N ASP A 9 -2.37 -1.61 -5.30
CA ASP A 9 -2.57 -0.15 -5.43
C ASP A 9 -3.32 0.41 -4.19
N CYS A 10 -2.99 1.65 -3.81
CA CYS A 10 -3.54 2.30 -2.62
C CYS A 10 -4.94 2.85 -2.92
N PRO A 11 -6.02 2.24 -2.32
CA PRO A 11 -7.46 2.55 -2.68
C PRO A 11 -7.81 4.05 -2.55
N VAL A 12 -7.04 4.76 -1.72
CA VAL A 12 -7.25 6.19 -1.47
C VAL A 12 -6.53 7.08 -2.53
N CYS A 13 -5.20 6.90 -2.72
CA CYS A 13 -4.37 7.81 -3.58
C CYS A 13 -3.95 7.16 -4.93
N GLY A 14 -3.81 5.82 -4.94
CA GLY A 14 -3.68 5.03 -6.19
C GLY A 14 -2.26 4.63 -6.56
N VAL A 15 -1.37 4.52 -5.55
CA VAL A 15 0.05 4.12 -5.76
C VAL A 15 0.26 2.61 -5.48
N ASN A 16 1.00 1.92 -6.38
CA ASN A 16 1.30 0.47 -6.25
C ASN A 16 2.51 0.25 -5.35
N ILE A 17 2.34 -0.57 -4.30
CA ILE A 17 3.31 -0.73 -3.21
C ILE A 17 3.17 -2.12 -2.54
N PRO A 18 4.28 -2.67 -1.95
CA PRO A 18 4.27 -3.98 -1.26
C PRO A 18 3.34 -4.00 -0.04
N GLU A 19 2.96 -5.23 0.40
CA GLU A 19 1.91 -5.48 1.41
C GLU A 19 2.16 -4.72 2.73
N SER A 20 3.44 -4.54 3.07
CA SER A 20 3.86 -3.76 4.24
C SER A 20 3.51 -2.26 4.07
N HIS A 21 3.93 -1.68 2.92
CA HIS A 21 3.81 -0.22 2.70
C HIS A 21 2.37 0.17 2.35
N ILE A 22 1.59 -0.75 1.76
CA ILE A 22 0.18 -0.48 1.42
C ILE A 22 -0.69 -0.43 2.68
N ASN A 23 -0.49 -1.38 3.60
CA ASN A 23 -1.21 -1.38 4.88
C ASN A 23 -1.00 -0.04 5.60
N LYS A 24 0.26 0.42 5.61
CA LYS A 24 0.65 1.72 6.19
C LYS A 24 0.07 2.91 5.38
N HIS A 25 0.12 2.82 4.03
CA HIS A 25 -0.21 3.98 3.16
C HIS A 25 -1.69 4.28 3.18
N LEU A 26 -2.51 3.23 2.95
CA LEU A 26 -3.97 3.39 2.89
C LEU A 26 -4.51 3.80 4.28
N ASP A 27 -3.82 3.33 5.34
CA ASP A 27 -4.11 3.71 6.75
C ASP A 27 -3.87 5.22 6.96
N SER A 28 -2.66 5.66 6.58
CA SER A 28 -2.19 7.06 6.68
C SER A 28 -2.98 7.99 5.72
N CYS A 29 -3.46 7.40 4.61
CA CYS A 29 -4.23 8.10 3.57
C CYS A 29 -5.72 8.22 3.96
N LEU A 30 -6.19 7.28 4.80
CA LEU A 30 -7.55 7.32 5.39
C LEU A 30 -7.52 8.24 6.64
N SER A 31 -6.30 8.46 7.18
CA SER A 31 -6.07 9.26 8.39
C SER A 31 -6.00 10.76 8.05
N ARG A 32 -5.29 11.10 6.97
CA ARG A 32 -5.14 12.48 6.48
C ARG A 32 -5.72 12.60 5.05
N GLU A 33 -5.50 13.75 4.39
CA GLU A 33 -5.89 13.94 2.98
C GLU A 33 -4.83 13.26 2.06
ZN ZN B . -1.73 6.21 -0.33
N GLY A 1 16.73 -10.50 -5.89
CA GLY A 1 15.70 -9.86 -6.75
C GLY A 1 14.30 -10.01 -6.16
N SER A 2 13.35 -10.52 -6.99
CA SER A 2 11.95 -10.70 -6.60
C SER A 2 11.81 -11.91 -5.66
N ARG A 3 11.25 -11.66 -4.47
CA ARG A 3 10.91 -12.71 -3.48
C ARG A 3 9.38 -12.82 -3.35
N GLN A 4 8.90 -13.79 -2.57
CA GLN A 4 7.46 -14.03 -2.39
C GLN A 4 6.85 -12.95 -1.46
N VAL A 5 6.24 -11.94 -2.10
CA VAL A 5 5.68 -10.75 -1.47
C VAL A 5 4.74 -10.08 -2.49
N THR A 6 3.54 -9.72 -2.05
CA THR A 6 2.51 -9.16 -2.94
C THR A 6 2.52 -7.62 -2.88
N LYS A 7 2.29 -6.99 -4.04
CA LYS A 7 2.13 -5.52 -4.16
C LYS A 7 0.71 -5.22 -4.68
N VAL A 8 0.08 -4.17 -4.16
CA VAL A 8 -1.29 -3.75 -4.56
C VAL A 8 -1.38 -2.21 -4.54
N ASP A 9 -2.36 -1.66 -5.30
CA ASP A 9 -2.56 -0.19 -5.40
C ASP A 9 -3.30 0.35 -4.17
N CYS A 10 -2.94 1.56 -3.75
CA CYS A 10 -3.49 2.22 -2.57
C CYS A 10 -4.85 2.84 -2.89
N PRO A 11 -5.98 2.27 -2.34
CA PRO A 11 -7.37 2.61 -2.78
C PRO A 11 -7.69 4.12 -2.65
N VAL A 12 -7.00 4.80 -1.71
CA VAL A 12 -7.27 6.20 -1.36
C VAL A 12 -6.46 7.21 -2.25
N CYS A 13 -5.26 6.83 -2.76
CA CYS A 13 -4.42 7.77 -3.59
C CYS A 13 -3.97 7.14 -4.92
N GLY A 14 -3.72 5.82 -4.92
CA GLY A 14 -3.50 5.06 -6.16
C GLY A 14 -2.04 4.87 -6.52
N VAL A 15 -1.27 4.34 -5.55
CA VAL A 15 0.15 3.94 -5.76
C VAL A 15 0.31 2.43 -5.49
N ASN A 16 0.95 1.71 -6.43
CA ASN A 16 1.25 0.27 -6.27
C ASN A 16 2.48 0.11 -5.37
N ILE A 17 2.34 -0.69 -4.31
CA ILE A 17 3.35 -0.83 -3.24
C ILE A 17 3.23 -2.19 -2.55
N PRO A 18 4.36 -2.75 -1.97
CA PRO A 18 4.36 -4.06 -1.27
C PRO A 18 3.45 -4.07 -0.04
N GLU A 19 3.09 -5.28 0.40
CA GLU A 19 2.05 -5.53 1.42
C GLU A 19 2.29 -4.75 2.74
N SER A 20 3.57 -4.50 3.08
CA SER A 20 3.95 -3.68 4.25
C SER A 20 3.54 -2.20 4.03
N HIS A 21 3.95 -1.64 2.87
CA HIS A 21 3.80 -0.21 2.60
C HIS A 21 2.35 0.16 2.27
N ILE A 22 1.59 -0.78 1.67
CA ILE A 22 0.15 -0.53 1.36
C ILE A 22 -0.68 -0.46 2.64
N ASN A 23 -0.46 -1.41 3.58
CA ASN A 23 -1.19 -1.39 4.87
C ASN A 23 -1.00 -0.02 5.57
N LYS A 24 0.26 0.44 5.61
CA LYS A 24 0.61 1.75 6.20
C LYS A 24 0.04 2.92 5.38
N HIS A 25 0.09 2.82 4.03
CA HIS A 25 -0.23 3.97 3.14
C HIS A 25 -1.72 4.26 3.17
N LEU A 26 -2.54 3.20 2.99
CA LEU A 26 -4.01 3.34 2.94
C LEU A 26 -4.54 3.77 4.33
N ASP A 27 -3.85 3.33 5.39
CA ASP A 27 -4.11 3.75 6.79
C ASP A 27 -3.88 5.28 6.97
N SER A 28 -2.67 5.73 6.59
CA SER A 28 -2.24 7.13 6.70
C SER A 28 -3.00 8.03 5.69
N CYS A 29 -3.48 7.41 4.59
CA CYS A 29 -4.26 8.09 3.54
C CYS A 29 -5.73 8.24 3.95
N LEU A 30 -6.23 7.29 4.77
CA LEU A 30 -7.56 7.37 5.38
C LEU A 30 -7.52 8.39 6.54
N SER A 31 -6.31 8.58 7.10
CA SER A 31 -6.07 9.48 8.23
C SER A 31 -6.05 10.95 7.75
N ARG A 32 -5.01 11.31 6.96
CA ARG A 32 -4.86 12.67 6.41
C ARG A 32 -5.26 12.70 4.93
N GLU A 33 -5.72 13.87 4.48
CA GLU A 33 -6.17 14.10 3.10
C GLU A 33 -5.93 15.58 2.72
ZN ZN B . -1.76 6.14 -0.31
N GLY A 1 0.58 -13.90 -6.24
CA GLY A 1 1.60 -13.87 -7.30
C GLY A 1 3.01 -13.80 -6.74
N SER A 2 3.44 -12.58 -6.37
CA SER A 2 4.78 -12.31 -5.84
C SER A 2 4.94 -12.92 -4.43
N ARG A 3 5.66 -14.05 -4.37
CA ARG A 3 5.84 -14.86 -3.15
C ARG A 3 6.68 -14.11 -2.09
N GLN A 4 7.74 -13.42 -2.54
CA GLN A 4 8.67 -12.69 -1.67
C GLN A 4 7.97 -11.49 -0.99
N VAL A 5 7.15 -10.75 -1.78
CA VAL A 5 6.48 -9.54 -1.33
C VAL A 5 5.53 -9.03 -2.44
N THR A 6 4.25 -9.20 -2.17
CA THR A 6 3.15 -8.81 -3.04
C THR A 6 2.94 -7.27 -3.03
N LYS A 7 2.81 -6.66 -4.22
CA LYS A 7 2.57 -5.20 -4.37
C LYS A 7 1.19 -4.94 -4.98
N VAL A 8 0.44 -3.98 -4.41
CA VAL A 8 -0.93 -3.59 -4.87
C VAL A 8 -1.08 -2.05 -4.83
N ASP A 9 -2.21 -1.54 -5.36
CA ASP A 9 -2.50 -0.08 -5.44
C ASP A 9 -3.23 0.42 -4.17
N CYS A 10 -2.94 1.67 -3.78
CA CYS A 10 -3.51 2.31 -2.60
C CYS A 10 -4.93 2.80 -2.92
N PRO A 11 -6.00 2.29 -2.23
CA PRO A 11 -7.41 2.58 -2.59
C PRO A 11 -7.76 4.07 -2.54
N VAL A 12 -7.03 4.80 -1.67
CA VAL A 12 -7.30 6.22 -1.40
C VAL A 12 -6.58 7.14 -2.43
N CYS A 13 -5.27 6.88 -2.72
CA CYS A 13 -4.46 7.79 -3.60
C CYS A 13 -4.09 7.12 -4.96
N GLY A 14 -3.87 5.78 -4.97
CA GLY A 14 -3.76 5.00 -6.24
C GLY A 14 -2.36 4.52 -6.59
N VAL A 15 -1.39 4.70 -5.68
CA VAL A 15 0.04 4.34 -5.95
C VAL A 15 0.32 2.84 -5.67
N ASN A 16 1.24 2.24 -6.48
CA ASN A 16 1.68 0.84 -6.29
C ASN A 16 2.76 0.76 -5.21
N ILE A 17 2.61 -0.20 -4.28
CA ILE A 17 3.39 -0.31 -3.04
C ILE A 17 3.36 -1.75 -2.51
N PRO A 18 4.47 -2.23 -1.85
CA PRO A 18 4.53 -3.59 -1.26
C PRO A 18 3.56 -3.76 -0.09
N GLU A 19 3.26 -5.05 0.25
CA GLU A 19 2.18 -5.45 1.20
C GLU A 19 2.29 -4.73 2.58
N SER A 20 3.52 -4.49 3.02
CA SER A 20 3.82 -3.77 4.26
C SER A 20 3.44 -2.28 4.13
N HIS A 21 3.90 -1.65 3.03
CA HIS A 21 3.77 -0.20 2.82
C HIS A 21 2.36 0.18 2.30
N ILE A 22 1.58 -0.79 1.77
CA ILE A 22 0.17 -0.54 1.40
C ILE A 22 -0.70 -0.50 2.65
N ASN A 23 -0.49 -1.46 3.57
CA ASN A 23 -1.21 -1.49 4.86
C ASN A 23 -1.05 -0.12 5.58
N LYS A 24 0.21 0.35 5.58
CA LYS A 24 0.60 1.67 6.12
C LYS A 24 -0.02 2.82 5.30
N HIS A 25 0.15 2.80 3.95
CA HIS A 25 -0.16 3.98 3.08
C HIS A 25 -1.65 4.27 3.12
N LEU A 26 -2.47 3.22 3.00
CA LEU A 26 -3.93 3.34 2.96
C LEU A 26 -4.45 3.82 4.33
N ASP A 27 -3.78 3.35 5.42
CA ASP A 27 -4.08 3.77 6.81
C ASP A 27 -3.86 5.30 6.97
N SER A 28 -2.64 5.73 6.58
CA SER A 28 -2.18 7.15 6.62
C SER A 28 -3.04 8.03 5.67
N CYS A 29 -3.47 7.43 4.55
CA CYS A 29 -4.25 8.10 3.49
C CYS A 29 -5.74 8.21 3.87
N LEU A 30 -6.22 7.25 4.68
CA LEU A 30 -7.61 7.26 5.22
C LEU A 30 -7.66 8.27 6.39
N SER A 31 -6.50 8.45 7.03
CA SER A 31 -6.35 9.36 8.19
C SER A 31 -6.37 10.83 7.70
N ARG A 32 -5.64 11.09 6.61
CA ARG A 32 -5.51 12.42 6.01
C ARG A 32 -6.49 12.61 4.84
N GLU A 33 -6.46 13.82 4.25
CA GLU A 33 -7.27 14.18 3.07
C GLU A 33 -6.33 14.85 2.02
ZN ZN B . -1.72 6.20 -0.36
N GLY A 1 17.04 -9.17 -0.80
CA GLY A 1 16.32 -9.28 -2.09
C GLY A 1 14.86 -9.66 -1.91
N SER A 2 13.96 -8.67 -2.05
CA SER A 2 12.51 -8.86 -1.87
C SER A 2 11.91 -9.61 -3.09
N ARG A 3 11.94 -10.95 -3.02
CA ARG A 3 11.39 -11.84 -4.05
C ARG A 3 9.95 -12.21 -3.71
N GLN A 4 9.78 -12.90 -2.57
CA GLN A 4 8.47 -13.27 -2.03
C GLN A 4 7.84 -12.04 -1.35
N VAL A 5 7.02 -11.31 -2.12
CA VAL A 5 6.31 -10.11 -1.68
C VAL A 5 5.24 -9.76 -2.72
N THR A 6 4.02 -9.45 -2.25
CA THR A 6 2.89 -9.08 -3.12
C THR A 6 2.67 -7.56 -3.06
N LYS A 7 2.26 -6.95 -4.18
CA LYS A 7 2.05 -5.49 -4.29
C LYS A 7 0.62 -5.19 -4.79
N VAL A 8 -0.03 -4.17 -4.20
CA VAL A 8 -1.39 -3.74 -4.57
C VAL A 8 -1.47 -2.20 -4.57
N ASP A 9 -2.53 -1.66 -5.20
CA ASP A 9 -2.76 -0.20 -5.32
C ASP A 9 -3.41 0.34 -4.04
N CYS A 10 -3.07 1.60 -3.71
CA CYS A 10 -3.60 2.31 -2.55
C CYS A 10 -4.97 2.89 -2.90
N PRO A 11 -6.10 2.36 -2.32
CA PRO A 11 -7.49 2.70 -2.76
C PRO A 11 -7.81 4.20 -2.65
N VAL A 12 -7.07 4.90 -1.79
CA VAL A 12 -7.26 6.33 -1.51
C VAL A 12 -6.47 7.24 -2.50
N CYS A 13 -5.23 6.84 -2.89
CA CYS A 13 -4.32 7.75 -3.68
C CYS A 13 -3.83 7.11 -4.99
N GLY A 14 -3.69 5.77 -5.02
CA GLY A 14 -3.53 5.02 -6.28
C GLY A 14 -2.15 4.40 -6.50
N VAL A 15 -1.19 4.68 -5.60
CA VAL A 15 0.19 4.18 -5.73
C VAL A 15 0.28 2.66 -5.52
N ASN A 16 1.00 1.97 -6.43
CA ASN A 16 1.28 0.52 -6.32
C ASN A 16 2.49 0.30 -5.40
N ILE A 17 2.30 -0.51 -4.35
CA ILE A 17 3.27 -0.65 -3.24
C ILE A 17 3.17 -2.05 -2.62
N PRO A 18 4.31 -2.58 -2.04
CA PRO A 18 4.34 -3.91 -1.38
C PRO A 18 3.43 -3.98 -0.16
N GLU A 19 3.09 -5.22 0.24
CA GLU A 19 2.10 -5.55 1.27
C GLU A 19 2.29 -4.78 2.60
N SER A 20 3.56 -4.57 2.98
CA SER A 20 3.93 -3.79 4.17
C SER A 20 3.57 -2.30 4.00
N HIS A 21 4.02 -1.73 2.86
CA HIS A 21 3.93 -0.29 2.58
C HIS A 21 2.47 0.14 2.31
N ILE A 22 1.68 -0.77 1.71
CA ILE A 22 0.26 -0.49 1.40
C ILE A 22 -0.59 -0.44 2.66
N ASN A 23 -0.40 -1.41 3.59
CA ASN A 23 -1.14 -1.46 4.86
C ASN A 23 -0.97 -0.11 5.60
N LYS A 24 0.29 0.37 5.63
CA LYS A 24 0.66 1.66 6.23
C LYS A 24 0.05 2.85 5.44
N HIS A 25 0.23 2.85 4.09
CA HIS A 25 -0.07 4.03 3.24
C HIS A 25 -1.56 4.31 3.21
N LEU A 26 -2.36 3.24 3.00
CA LEU A 26 -3.82 3.35 2.91
C LEU A 26 -4.40 3.75 4.27
N ASP A 27 -3.75 3.30 5.39
CA ASP A 27 -4.11 3.70 6.76
C ASP A 27 -3.98 5.23 6.93
N SER A 28 -2.78 5.74 6.66
CA SER A 28 -2.44 7.18 6.75
C SER A 28 -3.27 8.02 5.75
N CYS A 29 -3.59 7.39 4.61
CA CYS A 29 -4.34 8.03 3.51
C CYS A 29 -5.85 8.08 3.80
N LEU A 30 -6.37 7.08 4.53
CA LEU A 30 -7.83 6.87 4.73
C LEU A 30 -8.47 8.02 5.50
N SER A 31 -7.66 8.69 6.33
CA SER A 31 -8.10 9.78 7.23
C SER A 31 -7.90 11.16 6.59
N ARG A 32 -7.22 11.19 5.42
CA ARG A 32 -6.75 12.45 4.78
C ARG A 32 -7.13 12.48 3.30
N GLU A 33 -6.97 13.66 2.66
CA GLU A 33 -7.22 13.85 1.22
C GLU A 33 -5.92 13.53 0.45
ZN ZN B . -1.67 6.17 -0.29
N GLY A 1 13.28 -20.43 -0.83
CA GLY A 1 13.38 -20.32 -2.30
C GLY A 1 13.42 -18.87 -2.76
N SER A 2 12.50 -18.49 -3.66
CA SER A 2 12.40 -17.12 -4.18
C SER A 2 11.70 -16.21 -3.14
N ARG A 3 12.49 -15.43 -2.39
CA ARG A 3 11.96 -14.44 -1.42
C ARG A 3 11.14 -13.37 -2.19
N GLN A 4 9.81 -13.43 -2.04
CA GLN A 4 8.86 -12.59 -2.78
C GLN A 4 8.07 -11.69 -1.83
N VAL A 5 7.41 -10.69 -2.40
CA VAL A 5 6.65 -9.67 -1.67
C VAL A 5 5.57 -9.11 -2.60
N THR A 6 4.30 -9.35 -2.23
CA THR A 6 3.15 -9.04 -3.07
C THR A 6 2.82 -7.53 -2.99
N LYS A 7 2.33 -6.95 -4.09
CA LYS A 7 2.01 -5.51 -4.18
C LYS A 7 0.55 -5.30 -4.60
N VAL A 8 -0.10 -4.27 -4.04
CA VAL A 8 -1.49 -3.88 -4.39
C VAL A 8 -1.62 -2.34 -4.40
N ASP A 9 -2.72 -1.85 -5.02
CA ASP A 9 -3.00 -0.40 -5.18
C ASP A 9 -3.53 0.21 -3.87
N CYS A 10 -3.17 1.48 -3.64
CA CYS A 10 -3.66 2.27 -2.50
C CYS A 10 -5.01 2.86 -2.88
N PRO A 11 -6.14 2.36 -2.31
CA PRO A 11 -7.52 2.75 -2.75
C PRO A 11 -7.77 4.27 -2.67
N VAL A 12 -7.01 4.94 -1.79
CA VAL A 12 -7.17 6.36 -1.51
C VAL A 12 -6.37 7.25 -2.51
N CYS A 13 -5.10 6.88 -2.83
CA CYS A 13 -4.20 7.77 -3.62
C CYS A 13 -3.62 7.09 -4.89
N GLY A 14 -4.07 5.85 -5.15
CA GLY A 14 -3.84 5.11 -6.39
C GLY A 14 -2.39 4.84 -6.72
N VAL A 15 -1.63 4.40 -5.71
CA VAL A 15 -0.22 3.99 -5.89
C VAL A 15 -0.05 2.49 -5.55
N ASN A 16 0.56 1.73 -6.48
CA ASN A 16 0.85 0.31 -6.29
C ASN A 16 2.14 0.14 -5.48
N ILE A 17 2.05 -0.64 -4.38
CA ILE A 17 3.11 -0.72 -3.36
C ILE A 17 3.08 -2.09 -2.63
N PRO A 18 4.28 -2.59 -2.13
CA PRO A 18 4.37 -3.87 -1.41
C PRO A 18 3.53 -3.92 -0.13
N GLU A 19 3.20 -5.16 0.29
CA GLU A 19 2.24 -5.48 1.36
C GLU A 19 2.42 -4.66 2.67
N SER A 20 3.68 -4.41 3.05
CA SER A 20 4.01 -3.60 4.23
C SER A 20 3.65 -2.11 4.01
N HIS A 21 4.14 -1.56 2.87
CA HIS A 21 4.05 -0.14 2.57
C HIS A 21 2.60 0.26 2.26
N ILE A 22 1.82 -0.66 1.66
CA ILE A 22 0.40 -0.40 1.31
C ILE A 22 -0.48 -0.35 2.56
N ASN A 23 -0.31 -1.32 3.49
CA ASN A 23 -1.15 -1.37 4.71
C ASN A 23 -1.02 -0.05 5.50
N LYS A 24 0.23 0.43 5.64
CA LYS A 24 0.51 1.72 6.30
C LYS A 24 -0.01 2.90 5.44
N HIS A 25 0.21 2.85 4.10
CA HIS A 25 -0.10 4.00 3.20
C HIS A 25 -1.60 4.29 3.19
N LEU A 26 -2.41 3.23 2.96
CA LEU A 26 -3.87 3.37 2.82
C LEU A 26 -4.49 3.75 4.18
N ASP A 27 -3.89 3.26 5.29
CA ASP A 27 -4.30 3.60 6.67
C ASP A 27 -4.12 5.10 6.92
N SER A 28 -2.88 5.58 6.68
CA SER A 28 -2.48 6.98 6.85
C SER A 28 -3.22 7.87 5.83
N CYS A 29 -3.50 7.33 4.63
CA CYS A 29 -4.17 8.05 3.53
C CYS A 29 -5.67 8.25 3.82
N LEU A 30 -6.28 7.24 4.47
CA LEU A 30 -7.69 7.28 4.92
C LEU A 30 -7.80 8.26 6.10
N SER A 31 -6.72 8.35 6.89
CA SER A 31 -6.66 9.14 8.14
C SER A 31 -6.35 10.62 7.85
N ARG A 32 -5.54 10.86 6.82
CA ARG A 32 -5.03 12.20 6.47
C ARG A 32 -4.54 12.18 5.00
N GLU A 33 -4.77 13.27 4.27
CA GLU A 33 -4.37 13.39 2.85
C GLU A 33 -2.95 14.00 2.76
ZN ZN B . -1.59 6.13 -0.30
N GLY A 1 8.29 -7.64 -13.63
CA GLY A 1 8.87 -6.70 -12.64
C GLY A 1 9.31 -7.40 -11.36
N SER A 2 9.14 -6.70 -10.22
CA SER A 2 9.57 -7.19 -8.90
C SER A 2 8.70 -8.38 -8.42
N ARG A 3 9.36 -9.40 -7.83
CA ARG A 3 8.71 -10.64 -7.32
C ARG A 3 9.10 -10.89 -5.85
N GLN A 4 8.58 -12.00 -5.29
CA GLN A 4 8.88 -12.48 -3.90
C GLN A 4 8.36 -11.53 -2.81
N VAL A 5 7.43 -10.64 -3.20
CA VAL A 5 6.77 -9.66 -2.30
C VAL A 5 5.59 -9.05 -3.06
N THR A 6 4.37 -9.33 -2.57
CA THR A 6 3.14 -8.95 -3.29
C THR A 6 2.89 -7.43 -3.19
N LYS A 7 2.50 -6.82 -4.32
CA LYS A 7 2.30 -5.37 -4.42
C LYS A 7 0.91 -5.06 -4.97
N VAL A 8 0.20 -4.14 -4.30
CA VAL A 8 -1.16 -3.73 -4.69
C VAL A 8 -1.29 -2.19 -4.63
N ASP A 9 -2.36 -1.67 -5.26
CA ASP A 9 -2.64 -0.22 -5.40
C ASP A 9 -3.25 0.35 -4.10
N CYS A 10 -2.94 1.61 -3.80
CA CYS A 10 -3.46 2.30 -2.62
C CYS A 10 -4.86 2.86 -2.92
N PRO A 11 -5.94 2.26 -2.32
CA PRO A 11 -7.35 2.57 -2.70
C PRO A 11 -7.70 4.08 -2.54
N VAL A 12 -6.99 4.75 -1.63
CA VAL A 12 -7.27 6.15 -1.27
C VAL A 12 -6.54 7.16 -2.22
N CYS A 13 -5.28 6.84 -2.67
CA CYS A 13 -4.48 7.79 -3.52
C CYS A 13 -4.07 7.15 -4.87
N GLY A 14 -3.73 5.85 -4.90
CA GLY A 14 -3.59 5.08 -6.16
C GLY A 14 -2.22 4.47 -6.46
N VAL A 15 -1.21 4.74 -5.61
CA VAL A 15 0.18 4.24 -5.85
C VAL A 15 0.31 2.71 -5.63
N ASN A 16 1.09 2.04 -6.50
CA ASN A 16 1.40 0.61 -6.37
C ASN A 16 2.56 0.44 -5.37
N ILE A 17 2.37 -0.42 -4.38
CA ILE A 17 3.29 -0.55 -3.23
C ILE A 17 3.24 -1.97 -2.64
N PRO A 18 4.38 -2.48 -2.06
CA PRO A 18 4.44 -3.80 -1.40
C PRO A 18 3.51 -3.90 -0.18
N GLU A 19 3.23 -5.16 0.20
CA GLU A 19 2.21 -5.57 1.20
C GLU A 19 2.28 -4.80 2.55
N SER A 20 3.49 -4.56 3.07
CA SER A 20 3.69 -3.79 4.31
C SER A 20 3.40 -2.29 4.07
N HIS A 21 3.91 -1.78 2.93
CA HIS A 21 3.89 -0.35 2.62
C HIS A 21 2.47 0.10 2.18
N ILE A 22 1.64 -0.86 1.71
CA ILE A 22 0.23 -0.57 1.35
C ILE A 22 -0.63 -0.47 2.61
N ASN A 23 -0.46 -1.44 3.55
CA ASN A 23 -1.20 -1.41 4.84
C ASN A 23 -1.07 -0.04 5.53
N LYS A 24 0.19 0.44 5.61
CA LYS A 24 0.51 1.73 6.23
C LYS A 24 -0.01 2.92 5.38
N HIS A 25 0.21 2.87 4.03
CA HIS A 25 -0.13 4.02 3.13
C HIS A 25 -1.63 4.30 3.15
N LEU A 26 -2.43 3.24 2.93
CA LEU A 26 -3.90 3.37 2.84
C LEU A 26 -4.48 3.84 4.19
N ASP A 27 -3.84 3.38 5.30
CA ASP A 27 -4.21 3.79 6.68
C ASP A 27 -4.00 5.30 6.90
N SER A 28 -2.76 5.75 6.61
CA SER A 28 -2.32 7.15 6.73
C SER A 28 -3.08 8.07 5.75
N CYS A 29 -3.51 7.48 4.63
CA CYS A 29 -4.24 8.15 3.54
C CYS A 29 -5.74 8.32 3.86
N LEU A 30 -6.30 7.31 4.54
CA LEU A 30 -7.75 7.26 4.88
C LEU A 30 -8.06 8.21 6.05
N SER A 31 -7.05 8.37 6.93
CA SER A 31 -7.19 9.12 8.19
C SER A 31 -7.37 10.62 7.94
N ARG A 32 -6.46 11.18 7.12
CA ARG A 32 -6.55 12.57 6.62
C ARG A 32 -6.18 12.59 5.14
N GLU A 33 -6.92 13.36 4.34
CA GLU A 33 -6.63 13.54 2.90
C GLU A 33 -5.73 14.79 2.69
ZN ZN B . -1.69 6.20 -0.33
N GLY A 1 0.64 -13.49 -6.63
CA GLY A 1 1.44 -13.52 -7.87
C GLY A 1 2.89 -13.87 -7.60
N SER A 2 3.74 -12.82 -7.43
CA SER A 2 5.18 -12.97 -7.17
C SER A 2 5.43 -13.39 -5.71
N ARG A 3 6.12 -14.55 -5.53
CA ARG A 3 6.51 -15.06 -4.18
C ARG A 3 7.83 -14.42 -3.75
N GLN A 4 7.78 -13.09 -3.61
CA GLN A 4 8.93 -12.24 -3.27
C GLN A 4 8.42 -11.16 -2.30
N VAL A 5 7.36 -10.48 -2.78
CA VAL A 5 6.56 -9.52 -2.02
C VAL A 5 5.36 -9.15 -2.91
N THR A 6 4.14 -9.30 -2.39
CA THR A 6 2.94 -9.01 -3.16
C THR A 6 2.65 -7.50 -3.09
N LYS A 7 2.44 -6.88 -4.25
CA LYS A 7 2.23 -5.41 -4.36
C LYS A 7 0.83 -5.13 -4.90
N VAL A 8 0.15 -4.13 -4.31
CA VAL A 8 -1.22 -3.72 -4.69
C VAL A 8 -1.36 -2.19 -4.64
N ASP A 9 -2.44 -1.68 -5.25
CA ASP A 9 -2.75 -0.24 -5.38
C ASP A 9 -3.35 0.31 -4.07
N CYS A 10 -3.05 1.57 -3.76
CA CYS A 10 -3.54 2.27 -2.57
C CYS A 10 -4.92 2.85 -2.86
N PRO A 11 -6.02 2.24 -2.31
CA PRO A 11 -7.43 2.58 -2.71
C PRO A 11 -7.77 4.08 -2.60
N VAL A 12 -7.03 4.79 -1.71
CA VAL A 12 -7.29 6.21 -1.42
C VAL A 12 -6.56 7.14 -2.43
N CYS A 13 -5.21 7.02 -2.55
CA CYS A 13 -4.40 7.95 -3.41
C CYS A 13 -4.08 7.32 -4.79
N GLY A 14 -3.92 5.97 -4.83
CA GLY A 14 -3.86 5.22 -6.10
C GLY A 14 -2.46 4.93 -6.58
N VAL A 15 -1.59 4.47 -5.66
CA VAL A 15 -0.19 4.10 -5.98
C VAL A 15 0.07 2.61 -5.63
N ASN A 16 0.84 1.90 -6.50
CA ASN A 16 1.20 0.48 -6.28
C ASN A 16 2.39 0.40 -5.31
N ILE A 17 2.28 -0.50 -4.33
CA ILE A 17 3.23 -0.60 -3.20
C ILE A 17 3.19 -2.01 -2.58
N PRO A 18 4.35 -2.50 -2.02
CA PRO A 18 4.42 -3.84 -1.37
C PRO A 18 3.49 -3.96 -0.15
N GLU A 19 3.18 -5.22 0.21
CA GLU A 19 2.15 -5.60 1.21
C GLU A 19 2.29 -4.84 2.56
N SER A 20 3.53 -4.61 3.00
CA SER A 20 3.82 -3.85 4.22
C SER A 20 3.48 -2.34 4.03
N HIS A 21 4.00 -1.76 2.93
CA HIS A 21 3.90 -0.31 2.66
C HIS A 21 2.46 0.10 2.34
N ILE A 22 1.68 -0.80 1.72
CA ILE A 22 0.27 -0.54 1.38
C ILE A 22 -0.60 -0.49 2.65
N ASN A 23 -0.36 -1.43 3.59
CA ASN A 23 -1.09 -1.43 4.88
C ASN A 23 -0.98 -0.05 5.57
N LYS A 24 0.27 0.46 5.67
CA LYS A 24 0.53 1.78 6.31
C LYS A 24 0.00 2.94 5.43
N HIS A 25 0.21 2.87 4.09
CA HIS A 25 -0.11 4.01 3.17
C HIS A 25 -1.61 4.29 3.16
N LEU A 26 -2.41 3.22 2.91
CA LEU A 26 -3.88 3.36 2.80
C LEU A 26 -4.48 3.81 4.15
N ASP A 27 -3.88 3.32 5.26
CA ASP A 27 -4.27 3.72 6.63
C ASP A 27 -4.04 5.24 6.86
N SER A 28 -2.80 5.67 6.56
CA SER A 28 -2.34 7.06 6.69
C SER A 28 -3.04 7.99 5.67
N CYS A 29 -3.49 7.39 4.55
CA CYS A 29 -4.17 8.10 3.44
C CYS A 29 -5.65 8.33 3.74
N LEU A 30 -6.29 7.34 4.40
CA LEU A 30 -7.72 7.41 4.81
C LEU A 30 -7.87 8.42 5.97
N SER A 31 -6.77 8.58 6.73
CA SER A 31 -6.71 9.49 7.89
C SER A 31 -6.31 10.90 7.40
N ARG A 32 -5.06 11.03 6.93
CA ARG A 32 -4.54 12.26 6.32
C ARG A 32 -4.67 12.15 4.79
N GLU A 33 -5.75 12.74 4.26
CA GLU A 33 -6.02 12.76 2.80
C GLU A 33 -5.08 13.76 2.07
ZN ZN B . -1.60 6.14 -0.33
N GLY A 1 3.50 -20.31 -5.93
CA GLY A 1 2.97 -18.95 -6.21
C GLY A 1 3.25 -17.95 -5.09
N SER A 2 3.97 -18.40 -4.05
CA SER A 2 4.32 -17.58 -2.89
C SER A 2 5.32 -16.48 -3.29
N ARG A 3 4.82 -15.24 -3.41
CA ARG A 3 5.63 -14.04 -3.66
C ARG A 3 6.52 -13.76 -2.44
N GLN A 4 7.71 -13.17 -2.68
CA GLN A 4 8.62 -12.73 -1.61
C GLN A 4 7.97 -11.57 -0.83
N VAL A 5 7.14 -10.78 -1.56
CA VAL A 5 6.33 -9.70 -1.02
C VAL A 5 5.32 -9.26 -2.11
N THR A 6 4.02 -9.43 -1.81
CA THR A 6 2.94 -9.11 -2.75
C THR A 6 2.66 -7.59 -2.76
N LYS A 7 2.33 -7.02 -3.94
CA LYS A 7 2.12 -5.56 -4.11
C LYS A 7 0.71 -5.29 -4.62
N VAL A 8 0.05 -4.24 -4.05
CA VAL A 8 -1.31 -3.81 -4.46
C VAL A 8 -1.42 -2.27 -4.44
N ASP A 9 -2.45 -1.76 -5.15
CA ASP A 9 -2.73 -0.32 -5.32
C ASP A 9 -3.41 0.27 -4.07
N CYS A 10 -3.10 1.53 -3.78
CA CYS A 10 -3.63 2.26 -2.61
C CYS A 10 -5.00 2.84 -2.95
N PRO A 11 -6.12 2.32 -2.36
CA PRO A 11 -7.52 2.69 -2.76
C PRO A 11 -7.82 4.21 -2.63
N VAL A 12 -7.05 4.88 -1.76
CA VAL A 12 -7.23 6.30 -1.46
C VAL A 12 -6.47 7.21 -2.49
N CYS A 13 -5.17 6.93 -2.75
CA CYS A 13 -4.32 7.84 -3.59
C CYS A 13 -3.90 7.17 -4.93
N GLY A 14 -3.83 5.84 -4.96
CA GLY A 14 -3.74 5.07 -6.22
C GLY A 14 -2.33 4.71 -6.64
N VAL A 15 -1.49 4.31 -5.69
CA VAL A 15 -0.08 3.92 -5.95
C VAL A 15 0.14 2.43 -5.61
N ASN A 16 0.87 1.70 -6.47
CA ASN A 16 1.16 0.26 -6.27
C ASN A 16 2.42 0.12 -5.40
N ILE A 17 2.30 -0.67 -4.33
CA ILE A 17 3.30 -0.77 -3.24
C ILE A 17 3.20 -2.13 -2.55
N PRO A 18 4.34 -2.65 -1.96
CA PRO A 18 4.37 -3.96 -1.25
C PRO A 18 3.43 -3.99 -0.03
N GLU A 19 3.09 -5.23 0.40
CA GLU A 19 2.03 -5.50 1.39
C GLU A 19 2.18 -4.71 2.72
N SER A 20 3.43 -4.50 3.13
CA SER A 20 3.77 -3.72 4.32
C SER A 20 3.49 -2.21 4.10
N HIS A 21 3.98 -1.70 2.94
CA HIS A 21 3.94 -0.27 2.60
C HIS A 21 2.50 0.18 2.33
N ILE A 22 1.68 -0.72 1.74
CA ILE A 22 0.27 -0.44 1.41
C ILE A 22 -0.60 -0.41 2.68
N ASN A 23 -0.35 -1.34 3.62
CA ASN A 23 -1.08 -1.36 4.91
C ASN A 23 -0.92 0.00 5.61
N LYS A 24 0.32 0.49 5.63
CA LYS A 24 0.68 1.80 6.20
C LYS A 24 0.08 2.95 5.37
N HIS A 25 0.17 2.86 4.03
CA HIS A 25 -0.19 3.97 3.12
C HIS A 25 -1.68 4.25 3.17
N LEU A 26 -2.49 3.20 2.90
CA LEU A 26 -3.97 3.33 2.84
C LEU A 26 -4.52 3.73 4.21
N ASP A 27 -3.86 3.24 5.29
CA ASP A 27 -4.19 3.59 6.68
C ASP A 27 -4.06 5.10 6.92
N SER A 28 -2.84 5.61 6.65
CA SER A 28 -2.47 7.01 6.89
C SER A 28 -3.10 7.95 5.83
N CYS A 29 -3.47 7.39 4.66
CA CYS A 29 -4.09 8.12 3.55
C CYS A 29 -5.58 8.39 3.85
N LEU A 30 -6.27 7.34 4.33
CA LEU A 30 -7.70 7.40 4.66
C LEU A 30 -7.93 8.29 5.88
N SER A 31 -6.94 8.32 6.79
CA SER A 31 -7.00 9.11 8.03
C SER A 31 -6.45 10.53 7.84
N ARG A 32 -5.77 10.76 6.69
CA ARG A 32 -5.30 12.10 6.28
C ARG A 32 -6.53 12.96 5.89
N GLU A 33 -7.53 12.28 5.29
CA GLU A 33 -8.77 12.92 4.80
C GLU A 33 -9.65 13.43 5.97
ZN ZN B . -1.66 6.11 -0.36
N GLY A 1 16.65 -14.84 -5.84
CA GLY A 1 16.06 -13.78 -4.98
C GLY A 1 14.54 -13.83 -4.97
N SER A 2 14.00 -15.01 -4.64
CA SER A 2 12.54 -15.25 -4.59
C SER A 2 11.97 -14.81 -3.23
N ARG A 3 11.76 -13.48 -3.10
CA ARG A 3 11.22 -12.86 -1.89
C ARG A 3 9.69 -12.85 -1.95
N GLN A 4 9.04 -13.65 -1.08
CA GLN A 4 7.57 -13.74 -1.01
C GLN A 4 6.98 -12.46 -0.39
N VAL A 5 6.48 -11.56 -1.27
CA VAL A 5 5.89 -10.26 -0.88
C VAL A 5 5.06 -9.71 -2.06
N THR A 6 3.77 -9.49 -1.82
CA THR A 6 2.83 -9.00 -2.84
C THR A 6 2.75 -7.46 -2.80
N LYS A 7 2.46 -6.84 -3.96
CA LYS A 7 2.21 -5.38 -4.06
C LYS A 7 0.78 -5.13 -4.52
N VAL A 8 0.14 -4.05 -4.02
CA VAL A 8 -1.21 -3.62 -4.48
C VAL A 8 -1.31 -2.09 -4.51
N ASP A 9 -2.40 -1.59 -5.11
CA ASP A 9 -2.67 -0.14 -5.24
C ASP A 9 -3.38 0.38 -3.97
N CYS A 10 -3.09 1.65 -3.65
CA CYS A 10 -3.70 2.37 -2.51
C CYS A 10 -5.15 2.72 -2.89
N PRO A 11 -6.19 2.24 -2.14
CA PRO A 11 -7.61 2.55 -2.47
C PRO A 11 -7.89 4.07 -2.42
N VAL A 12 -7.07 4.79 -1.63
CA VAL A 12 -7.19 6.25 -1.44
C VAL A 12 -6.45 7.04 -2.55
N CYS A 13 -5.11 6.77 -2.73
CA CYS A 13 -4.25 7.63 -3.61
C CYS A 13 -3.61 6.85 -4.80
N GLY A 14 -4.01 5.58 -4.98
CA GLY A 14 -3.79 4.83 -6.24
C GLY A 14 -2.39 4.30 -6.46
N VAL A 15 -1.48 4.49 -5.49
CA VAL A 15 -0.06 4.14 -5.67
C VAL A 15 0.23 2.66 -5.33
N ASN A 16 1.06 2.01 -6.17
CA ASN A 16 1.42 0.58 -6.03
C ASN A 16 2.68 0.42 -5.17
N ILE A 17 2.57 -0.39 -4.10
CA ILE A 17 3.65 -0.64 -3.12
C ILE A 17 3.44 -2.00 -2.42
N PRO A 18 4.52 -2.62 -1.82
CA PRO A 18 4.41 -3.94 -1.14
C PRO A 18 3.46 -3.94 0.06
N GLU A 19 3.01 -5.15 0.42
CA GLU A 19 1.93 -5.41 1.41
C GLU A 19 2.11 -4.66 2.75
N SER A 20 3.38 -4.49 3.15
CA SER A 20 3.74 -3.80 4.39
C SER A 20 3.48 -2.27 4.27
N HIS A 21 4.03 -1.64 3.21
CA HIS A 21 3.98 -0.19 3.04
C HIS A 21 2.62 0.28 2.49
N ILE A 22 1.89 -0.62 1.79
CA ILE A 22 0.58 -0.27 1.20
C ILE A 22 -0.54 -0.31 2.26
N ASN A 23 -0.46 -1.28 3.20
CA ASN A 23 -1.40 -1.35 4.34
C ASN A 23 -1.22 -0.09 5.20
N LYS A 24 0.07 0.27 5.39
CA LYS A 24 0.48 1.48 6.09
C LYS A 24 -0.04 2.72 5.32
N HIS A 25 0.14 2.73 3.98
CA HIS A 25 -0.15 3.92 3.14
C HIS A 25 -1.63 4.25 3.19
N LEU A 26 -2.48 3.23 2.97
CA LEU A 26 -3.93 3.40 2.89
C LEU A 26 -4.49 3.85 4.26
N ASP A 27 -3.86 3.37 5.34
CA ASP A 27 -4.17 3.76 6.73
C ASP A 27 -3.97 5.28 6.93
N SER A 28 -2.74 5.73 6.64
CA SER A 28 -2.32 7.13 6.77
C SER A 28 -3.07 8.03 5.78
N CYS A 29 -3.46 7.45 4.65
CA CYS A 29 -4.14 8.15 3.54
C CYS A 29 -5.65 8.34 3.83
N LEU A 30 -6.25 7.39 4.56
CA LEU A 30 -7.69 7.39 4.90
C LEU A 30 -7.94 8.33 6.11
N SER A 31 -6.83 8.70 6.82
CA SER A 31 -6.89 9.53 8.02
C SER A 31 -6.24 10.90 7.78
N ARG A 32 -4.91 10.89 7.61
CA ARG A 32 -4.10 12.11 7.34
C ARG A 32 -4.25 12.50 5.85
N GLU A 33 -5.19 13.42 5.58
CA GLU A 33 -5.50 13.89 4.22
C GLU A 33 -4.99 15.33 4.05
ZN ZN B . -1.62 6.24 -0.27
N GLY A 1 15.59 -13.84 -9.04
CA GLY A 1 15.37 -14.00 -7.58
C GLY A 1 14.16 -13.22 -7.10
N SER A 2 12.95 -13.75 -7.39
CA SER A 2 11.66 -13.12 -7.01
C SER A 2 11.22 -13.68 -5.64
N ARG A 3 11.37 -12.86 -4.59
CA ARG A 3 11.00 -13.24 -3.21
C ARG A 3 9.48 -13.13 -3.00
N GLN A 4 8.98 -13.73 -1.90
CA GLN A 4 7.54 -13.72 -1.56
C GLN A 4 7.14 -12.34 -0.99
N VAL A 5 6.50 -11.53 -1.86
CA VAL A 5 5.96 -10.21 -1.52
C VAL A 5 4.94 -9.80 -2.59
N THR A 6 3.71 -9.51 -2.16
CA THR A 6 2.66 -9.05 -3.06
C THR A 6 2.61 -7.51 -3.07
N LYS A 7 2.19 -6.92 -4.20
CA LYS A 7 2.06 -5.48 -4.35
C LYS A 7 0.65 -5.15 -4.83
N VAL A 8 -0.03 -4.22 -4.15
CA VAL A 8 -1.43 -3.85 -4.48
C VAL A 8 -1.60 -2.31 -4.44
N ASP A 9 -2.71 -1.84 -5.01
CA ASP A 9 -3.03 -0.40 -5.18
C ASP A 9 -3.52 0.20 -3.86
N CYS A 10 -3.19 1.47 -3.64
CA CYS A 10 -3.66 2.26 -2.50
C CYS A 10 -5.00 2.88 -2.86
N PRO A 11 -6.14 2.35 -2.32
CA PRO A 11 -7.52 2.74 -2.74
C PRO A 11 -7.77 4.27 -2.67
N VAL A 12 -7.00 4.95 -1.82
CA VAL A 12 -7.16 6.38 -1.52
C VAL A 12 -6.40 7.28 -2.55
N CYS A 13 -5.09 7.03 -2.75
CA CYS A 13 -4.22 7.93 -3.56
C CYS A 13 -3.77 7.29 -4.90
N GLY A 14 -3.93 5.96 -4.99
CA GLY A 14 -3.79 5.22 -6.25
C GLY A 14 -2.35 4.95 -6.63
N VAL A 15 -1.59 4.44 -5.67
CA VAL A 15 -0.19 4.01 -5.89
C VAL A 15 -0.04 2.51 -5.57
N ASN A 16 0.62 1.76 -6.48
CA ASN A 16 0.90 0.33 -6.28
C ASN A 16 2.17 0.19 -5.43
N ILE A 17 2.08 -0.61 -4.36
CA ILE A 17 3.15 -0.73 -3.35
C ILE A 17 3.13 -2.11 -2.67
N PRO A 18 4.33 -2.61 -2.19
CA PRO A 18 4.42 -3.91 -1.48
C PRO A 18 3.57 -3.99 -0.21
N GLU A 19 3.26 -5.22 0.19
CA GLU A 19 2.27 -5.56 1.23
C GLU A 19 2.42 -4.76 2.54
N SER A 20 3.67 -4.53 2.98
CA SER A 20 3.96 -3.74 4.19
C SER A 20 3.62 -2.25 3.97
N HIS A 21 4.13 -1.71 2.84
CA HIS A 21 4.06 -0.28 2.53
C HIS A 21 2.61 0.15 2.26
N ILE A 22 1.81 -0.76 1.68
CA ILE A 22 0.41 -0.49 1.37
C ILE A 22 -0.47 -0.47 2.64
N ASN A 23 -0.22 -1.41 3.59
CA ASN A 23 -0.97 -1.44 4.87
C ASN A 23 -0.91 -0.05 5.56
N LYS A 24 0.33 0.49 5.66
CA LYS A 24 0.59 1.79 6.29
C LYS A 24 0.02 2.94 5.42
N HIS A 25 0.23 2.88 4.09
CA HIS A 25 -0.10 4.00 3.18
C HIS A 25 -1.60 4.25 3.17
N LEU A 26 -2.40 3.20 2.92
CA LEU A 26 -3.86 3.32 2.78
C LEU A 26 -4.49 3.70 4.14
N ASP A 27 -3.87 3.22 5.24
CA ASP A 27 -4.28 3.57 6.61
C ASP A 27 -4.19 5.09 6.85
N SER A 28 -2.97 5.62 6.66
CA SER A 28 -2.67 7.05 6.88
C SER A 28 -3.34 7.96 5.82
N CYS A 29 -3.56 7.39 4.62
CA CYS A 29 -4.17 8.10 3.49
C CYS A 29 -5.67 8.33 3.73
N LEU A 30 -6.38 7.26 4.12
CA LEU A 30 -7.83 7.30 4.41
C LEU A 30 -8.09 8.08 5.72
N SER A 31 -7.09 8.02 6.62
CA SER A 31 -7.14 8.74 7.91
C SER A 31 -6.86 10.24 7.71
N ARG A 32 -6.12 10.57 6.62
CA ARG A 32 -5.73 11.94 6.26
C ARG A 32 -4.79 12.56 7.31
N GLU A 33 -3.47 12.39 7.09
CA GLU A 33 -2.43 12.99 7.93
C GLU A 33 -2.38 14.52 7.69
ZN ZN B . -1.58 6.13 -0.31
N GLY A 1 15.13 -15.95 -5.18
CA GLY A 1 15.57 -16.64 -3.94
C GLY A 1 14.49 -16.66 -2.87
N SER A 2 13.35 -17.33 -3.20
CA SER A 2 12.22 -17.57 -2.25
C SER A 2 11.51 -16.26 -1.78
N ARG A 3 11.81 -15.14 -2.46
CA ARG A 3 11.30 -13.81 -2.07
C ARG A 3 9.87 -13.60 -2.62
N GLN A 4 8.89 -13.52 -1.72
CA GLN A 4 7.49 -13.21 -2.04
C GLN A 4 7.00 -12.07 -1.15
N VAL A 5 6.28 -11.11 -1.75
CA VAL A 5 5.78 -9.90 -1.09
C VAL A 5 4.83 -9.18 -2.07
N THR A 6 3.56 -9.52 -1.92
CA THR A 6 2.48 -9.09 -2.80
C THR A 6 2.25 -7.57 -2.72
N LYS A 7 2.33 -6.90 -3.89
CA LYS A 7 2.08 -5.46 -4.01
C LYS A 7 0.65 -5.22 -4.48
N VAL A 8 0.01 -4.15 -3.94
CA VAL A 8 -1.36 -3.73 -4.36
C VAL A 8 -1.46 -2.19 -4.35
N ASP A 9 -2.46 -1.68 -5.08
CA ASP A 9 -2.71 -0.22 -5.25
C ASP A 9 -3.44 0.36 -4.03
N CYS A 10 -3.14 1.62 -3.72
CA CYS A 10 -3.70 2.34 -2.57
C CYS A 10 -5.08 2.90 -2.94
N PRO A 11 -6.21 2.36 -2.35
CA PRO A 11 -7.60 2.73 -2.75
C PRO A 11 -7.90 4.24 -2.58
N VAL A 12 -7.12 4.90 -1.73
CA VAL A 12 -7.29 6.32 -1.42
C VAL A 12 -6.53 7.23 -2.44
N CYS A 13 -5.25 6.88 -2.77
CA CYS A 13 -4.38 7.78 -3.61
C CYS A 13 -3.95 7.12 -4.93
N GLY A 14 -3.75 5.79 -4.95
CA GLY A 14 -3.57 5.02 -6.20
C GLY A 14 -2.26 4.28 -6.35
N VAL A 15 -1.26 4.64 -5.53
CA VAL A 15 0.12 4.11 -5.67
C VAL A 15 0.22 2.60 -5.33
N ASN A 16 0.95 1.85 -6.18
CA ASN A 16 1.19 0.41 -6.00
C ASN A 16 2.45 0.19 -5.16
N ILE A 17 2.34 -0.63 -4.10
CA ILE A 17 3.41 -0.82 -3.09
C ILE A 17 3.23 -2.18 -2.37
N PRO A 18 4.35 -2.77 -1.82
CA PRO A 18 4.31 -4.10 -1.13
C PRO A 18 3.38 -4.11 0.09
N GLU A 19 2.92 -5.32 0.47
CA GLU A 19 1.88 -5.57 1.48
C GLU A 19 2.09 -4.79 2.81
N SER A 20 3.36 -4.63 3.20
CA SER A 20 3.75 -3.89 4.41
C SER A 20 3.52 -2.36 4.25
N HIS A 21 4.07 -1.80 3.16
CA HIS A 21 4.07 -0.34 2.92
C HIS A 21 2.68 0.15 2.48
N ILE A 22 1.87 -0.75 1.87
CA ILE A 22 0.52 -0.41 1.42
C ILE A 22 -0.48 -0.39 2.59
N ASN A 23 -0.36 -1.35 3.53
CA ASN A 23 -1.21 -1.35 4.74
C ASN A 23 -1.04 -0.03 5.52
N LYS A 24 0.23 0.42 5.62
CA LYS A 24 0.58 1.71 6.23
C LYS A 24 0.04 2.89 5.39
N HIS A 25 0.22 2.84 4.04
CA HIS A 25 -0.12 3.98 3.13
C HIS A 25 -1.62 4.26 3.15
N LEU A 26 -2.43 3.21 2.88
CA LEU A 26 -3.89 3.36 2.77
C LEU A 26 -4.51 3.73 4.12
N ASP A 27 -3.86 3.27 5.22
CA ASP A 27 -4.24 3.64 6.59
C ASP A 27 -4.01 5.15 6.81
N SER A 28 -2.77 5.58 6.55
CA SER A 28 -2.30 6.97 6.70
C SER A 28 -3.02 7.92 5.72
N CYS A 29 -3.48 7.35 4.60
CA CYS A 29 -4.17 8.08 3.53
C CYS A 29 -5.67 8.28 3.87
N LEU A 30 -6.28 7.23 4.46
CA LEU A 30 -7.70 7.25 4.90
C LEU A 30 -7.84 8.18 6.13
N SER A 31 -6.79 8.20 6.96
CA SER A 31 -6.79 8.93 8.23
C SER A 31 -6.43 10.41 7.99
N ARG A 32 -5.33 10.63 7.27
CA ARG A 32 -4.83 11.97 6.94
C ARG A 32 -4.98 12.21 5.44
N GLU A 33 -5.86 13.14 5.06
CA GLU A 33 -6.07 13.53 3.65
C GLU A 33 -4.84 14.34 3.12
ZN ZN B . -1.67 6.16 -0.32
N GLY A 1 13.90 -7.19 -7.41
CA GLY A 1 14.59 -7.43 -6.12
C GLY A 1 14.06 -8.67 -5.42
N SER A 2 13.65 -8.54 -4.15
CA SER A 2 13.07 -9.65 -3.36
C SER A 2 11.67 -10.02 -3.92
N ARG A 3 11.57 -11.21 -4.55
CA ARG A 3 10.35 -11.65 -5.25
C ARG A 3 9.23 -12.07 -4.26
N GLN A 4 9.62 -12.57 -3.07
CA GLN A 4 8.68 -12.97 -2.01
C GLN A 4 8.10 -11.72 -1.32
N VAL A 5 7.04 -11.18 -1.94
CA VAL A 5 6.26 -10.04 -1.46
C VAL A 5 5.21 -9.70 -2.54
N THR A 6 3.97 -9.42 -2.13
CA THR A 6 2.92 -8.97 -3.03
C THR A 6 2.76 -7.46 -2.93
N LYS A 7 2.50 -6.79 -4.07
CA LYS A 7 2.31 -5.33 -4.11
C LYS A 7 0.95 -5.01 -4.70
N VAL A 8 0.24 -4.01 -4.12
CA VAL A 8 -1.10 -3.61 -4.57
C VAL A 8 -1.26 -2.09 -4.52
N ASP A 9 -2.31 -1.59 -5.18
CA ASP A 9 -2.64 -0.15 -5.30
C ASP A 9 -3.32 0.36 -4.01
N CYS A 10 -3.07 1.64 -3.71
CA CYS A 10 -3.64 2.32 -2.52
C CYS A 10 -5.06 2.80 -2.85
N PRO A 11 -6.11 2.21 -2.19
CA PRO A 11 -7.54 2.49 -2.51
C PRO A 11 -7.88 4.01 -2.43
N VAL A 12 -7.10 4.74 -1.63
CA VAL A 12 -7.27 6.18 -1.45
C VAL A 12 -6.54 7.01 -2.55
N CYS A 13 -5.20 6.83 -2.70
CA CYS A 13 -4.36 7.75 -3.54
C CYS A 13 -3.81 7.09 -4.82
N GLY A 14 -3.80 5.73 -4.89
CA GLY A 14 -3.56 4.99 -6.14
C GLY A 14 -2.28 4.17 -6.18
N VAL A 15 -1.25 4.63 -5.44
CA VAL A 15 0.14 4.10 -5.57
C VAL A 15 0.29 2.59 -5.24
N ASN A 16 1.10 1.89 -6.07
CA ASN A 16 1.41 0.45 -5.91
C ASN A 16 2.66 0.26 -5.05
N ILE A 17 2.51 -0.49 -3.94
CA ILE A 17 3.60 -0.70 -2.96
C ILE A 17 3.42 -2.06 -2.25
N PRO A 18 4.51 -2.65 -1.63
CA PRO A 18 4.44 -3.99 -0.99
C PRO A 18 3.44 -4.07 0.17
N GLU A 19 2.98 -5.30 0.44
CA GLU A 19 1.86 -5.63 1.34
C GLU A 19 1.85 -4.85 2.69
N SER A 20 3.04 -4.69 3.28
CA SER A 20 3.20 -3.97 4.54
C SER A 20 3.13 -2.43 4.34
N HIS A 21 3.84 -1.90 3.32
CA HIS A 21 3.95 -0.44 3.11
C HIS A 21 2.65 0.13 2.50
N ILE A 22 1.86 -0.74 1.83
CA ILE A 22 0.59 -0.34 1.22
C ILE A 22 -0.51 -0.26 2.28
N ASN A 23 -0.54 -1.25 3.21
CA ASN A 23 -1.46 -1.24 4.35
C ASN A 23 -1.23 0.01 5.22
N LYS A 24 0.06 0.35 5.38
CA LYS A 24 0.49 1.57 6.07
C LYS A 24 0.01 2.82 5.31
N HIS A 25 0.20 2.82 3.97
CA HIS A 25 -0.10 4.00 3.13
C HIS A 25 -1.58 4.33 3.16
N LEU A 26 -2.42 3.30 2.96
CA LEU A 26 -3.87 3.48 2.87
C LEU A 26 -4.46 3.87 4.24
N ASP A 27 -3.78 3.44 5.33
CA ASP A 27 -4.14 3.78 6.73
C ASP A 27 -3.90 5.28 6.99
N SER A 28 -2.69 5.74 6.63
CA SER A 28 -2.27 7.15 6.73
C SER A 28 -3.09 8.03 5.75
N CYS A 29 -3.47 7.43 4.62
CA CYS A 29 -4.24 8.08 3.56
C CYS A 29 -5.74 8.14 3.94
N LEU A 30 -6.19 7.19 4.78
CA LEU A 30 -7.54 7.18 5.37
C LEU A 30 -7.66 8.33 6.39
N SER A 31 -6.50 8.70 6.96
CA SER A 31 -6.39 9.78 7.96
C SER A 31 -6.29 11.16 7.27
N ARG A 32 -5.98 11.15 5.96
CA ARG A 32 -5.94 12.38 5.12
C ARG A 32 -7.36 12.86 4.78
N GLU A 33 -7.46 14.12 4.31
CA GLU A 33 -8.72 14.77 3.93
C GLU A 33 -8.82 14.85 2.38
ZN ZN B . -1.67 6.22 -0.26
N GLY A 1 14.95 -17.23 4.22
CA GLY A 1 15.11 -17.89 2.90
C GLY A 1 13.77 -18.15 2.23
N SER A 2 13.09 -17.07 1.81
CA SER A 2 11.80 -17.12 1.12
C SER A 2 11.53 -15.78 0.39
N ARG A 3 10.99 -15.87 -0.83
CA ARG A 3 10.60 -14.70 -1.64
C ARG A 3 9.11 -14.85 -2.05
N GLN A 4 8.23 -14.35 -1.18
CA GLN A 4 6.78 -14.41 -1.38
C GLN A 4 6.12 -13.19 -0.70
N VAL A 5 5.59 -12.29 -1.54
CA VAL A 5 5.03 -11.00 -1.14
C VAL A 5 4.19 -10.44 -2.30
N THR A 6 3.07 -9.80 -1.97
CA THR A 6 2.17 -9.20 -2.96
C THR A 6 2.22 -7.67 -2.87
N LYS A 7 1.98 -7.00 -4.01
CA LYS A 7 1.87 -5.53 -4.09
C LYS A 7 0.48 -5.17 -4.60
N VAL A 8 -0.14 -4.14 -4.01
CA VAL A 8 -1.50 -3.68 -4.40
C VAL A 8 -1.57 -2.14 -4.43
N ASP A 9 -2.58 -1.61 -5.14
CA ASP A 9 -2.79 -0.15 -5.27
C ASP A 9 -3.45 0.41 -3.99
N CYS A 10 -3.12 1.66 -3.68
CA CYS A 10 -3.67 2.39 -2.52
C CYS A 10 -5.09 2.84 -2.87
N PRO A 11 -6.15 2.28 -2.21
CA PRO A 11 -7.57 2.58 -2.55
C PRO A 11 -7.89 4.09 -2.50
N VAL A 12 -7.10 4.82 -1.69
CA VAL A 12 -7.27 6.27 -1.49
C VAL A 12 -6.50 7.09 -2.57
N CYS A 13 -5.17 6.90 -2.69
CA CYS A 13 -4.30 7.78 -3.55
C CYS A 13 -3.80 7.08 -4.83
N GLY A 14 -3.81 5.73 -4.86
CA GLY A 14 -3.64 4.94 -6.10
C GLY A 14 -2.33 4.17 -6.22
N VAL A 15 -1.29 4.55 -5.43
CA VAL A 15 0.09 4.00 -5.59
C VAL A 15 0.21 2.49 -5.23
N ASN A 16 0.95 1.73 -6.08
CA ASN A 16 1.16 0.28 -5.92
C ASN A 16 2.45 0.02 -5.11
N ILE A 17 2.30 -0.72 -3.99
CA ILE A 17 3.40 -0.98 -3.04
C ILE A 17 3.18 -2.35 -2.32
N PRO A 18 4.27 -3.02 -1.78
CA PRO A 18 4.16 -4.33 -1.08
C PRO A 18 3.21 -4.29 0.14
N GLU A 19 2.63 -5.46 0.47
CA GLU A 19 1.48 -5.63 1.41
C GLU A 19 1.65 -4.90 2.76
N SER A 20 2.89 -4.82 3.26
CA SER A 20 3.19 -4.12 4.52
C SER A 20 3.17 -2.59 4.32
N HIS A 21 3.89 -2.09 3.28
CA HIS A 21 4.06 -0.64 3.05
C HIS A 21 2.75 0.01 2.54
N ILE A 22 1.94 -0.78 1.82
CA ILE A 22 0.64 -0.34 1.30
C ILE A 22 -0.40 -0.28 2.42
N ASN A 23 -0.33 -1.24 3.37
CA ASN A 23 -1.21 -1.25 4.56
C ASN A 23 -1.07 0.09 5.32
N LYS A 24 0.19 0.50 5.53
CA LYS A 24 0.52 1.79 6.16
C LYS A 24 -0.01 2.94 5.30
N HIS A 25 0.22 2.89 3.97
CA HIS A 25 -0.10 4.01 3.06
C HIS A 25 -1.60 4.32 3.08
N LEU A 26 -2.43 3.28 2.87
CA LEU A 26 -3.88 3.44 2.77
C LEU A 26 -4.50 3.79 4.13
N ASP A 27 -3.83 3.37 5.22
CA ASP A 27 -4.23 3.70 6.61
C ASP A 27 -4.02 5.20 6.89
N SER A 28 -2.80 5.66 6.64
CA SER A 28 -2.39 7.06 6.81
C SER A 28 -3.10 7.96 5.76
N CYS A 29 -3.50 7.34 4.63
CA CYS A 29 -4.26 8.00 3.56
C CYS A 29 -5.78 8.07 3.90
N LEU A 30 -6.25 7.09 4.70
CA LEU A 30 -7.64 7.06 5.21
C LEU A 30 -7.81 8.20 6.26
N SER A 31 -6.67 8.60 6.85
CA SER A 31 -6.62 9.68 7.85
C SER A 31 -6.56 11.04 7.15
N ARG A 32 -5.46 11.29 6.41
CA ARG A 32 -5.21 12.55 5.68
C ARG A 32 -4.82 12.23 4.23
N GLU A 33 -4.80 13.25 3.34
CA GLU A 33 -4.43 13.06 1.92
C GLU A 33 -3.30 14.05 1.51
ZN ZN B . -1.63 6.24 -0.26
N GLY A 1 13.70 -13.60 -9.76
CA GLY A 1 13.77 -13.32 -8.31
C GLY A 1 12.58 -13.89 -7.57
N SER A 2 12.71 -15.15 -7.09
CA SER A 2 11.64 -15.84 -6.36
C SER A 2 11.52 -15.27 -4.94
N ARG A 3 10.64 -14.27 -4.78
CA ARG A 3 10.42 -13.57 -3.51
C ARG A 3 8.94 -13.22 -3.42
N GLN A 4 8.18 -14.01 -2.64
CA GLN A 4 6.73 -13.88 -2.54
C GLN A 4 6.38 -12.69 -1.62
N VAL A 5 6.14 -11.54 -2.26
CA VAL A 5 5.70 -10.31 -1.61
C VAL A 5 4.77 -9.58 -2.59
N THR A 6 3.49 -9.54 -2.23
CA THR A 6 2.43 -9.05 -3.12
C THR A 6 2.35 -7.50 -3.07
N LYS A 7 2.22 -6.87 -4.24
CA LYS A 7 2.05 -5.41 -4.35
C LYS A 7 0.66 -5.08 -4.89
N VAL A 8 0.01 -4.08 -4.28
CA VAL A 8 -1.36 -3.65 -4.66
C VAL A 8 -1.46 -2.12 -4.65
N ASP A 9 -2.53 -1.60 -5.26
CA ASP A 9 -2.79 -0.15 -5.38
C ASP A 9 -3.35 0.39 -4.05
N CYS A 10 -3.02 1.65 -3.75
CA CYS A 10 -3.53 2.34 -2.57
C CYS A 10 -4.91 2.90 -2.89
N PRO A 11 -6.01 2.31 -2.33
CA PRO A 11 -7.41 2.64 -2.74
C PRO A 11 -7.74 4.14 -2.60
N VAL A 12 -7.04 4.82 -1.69
CA VAL A 12 -7.28 6.24 -1.37
C VAL A 12 -6.46 7.22 -2.27
N CYS A 13 -5.24 6.84 -2.73
CA CYS A 13 -4.37 7.77 -3.52
C CYS A 13 -3.88 7.15 -4.85
N GLY A 14 -3.68 5.81 -4.88
CA GLY A 14 -3.55 5.05 -6.14
C GLY A 14 -2.22 4.31 -6.32
N VAL A 15 -1.21 4.66 -5.52
CA VAL A 15 0.17 4.15 -5.70
C VAL A 15 0.28 2.62 -5.45
N ASN A 16 0.99 1.92 -6.36
CA ASN A 16 1.25 0.47 -6.25
C ASN A 16 2.49 0.23 -5.36
N ILE A 17 2.32 -0.59 -4.31
CA ILE A 17 3.31 -0.76 -3.24
C ILE A 17 3.17 -2.14 -2.58
N PRO A 18 4.28 -2.71 -1.99
CA PRO A 18 4.25 -4.04 -1.34
C PRO A 18 3.33 -4.07 -0.11
N GLU A 19 2.97 -5.30 0.30
CA GLU A 19 1.97 -5.57 1.34
C GLU A 19 2.23 -4.80 2.67
N SER A 20 3.50 -4.57 2.97
CA SER A 20 3.92 -3.79 4.15
C SER A 20 3.56 -2.30 4.00
N HIS A 21 4.00 -1.70 2.87
CA HIS A 21 3.88 -0.26 2.65
C HIS A 21 2.44 0.14 2.30
N ILE A 22 1.64 -0.80 1.75
CA ILE A 22 0.22 -0.53 1.42
C ILE A 22 -0.64 -0.51 2.70
N ASN A 23 -0.43 -1.46 3.63
CA ASN A 23 -1.14 -1.45 4.93
C ASN A 23 -0.97 -0.08 5.61
N LYS A 24 0.29 0.38 5.63
CA LYS A 24 0.67 1.68 6.21
C LYS A 24 0.06 2.86 5.39
N HIS A 25 0.22 2.83 4.05
CA HIS A 25 -0.09 4.00 3.19
C HIS A 25 -1.57 4.28 3.17
N LEU A 26 -2.38 3.22 2.96
CA LEU A 26 -3.85 3.35 2.86
C LEU A 26 -4.43 3.76 4.21
N ASP A 27 -3.78 3.32 5.32
CA ASP A 27 -4.15 3.73 6.69
C ASP A 27 -4.01 5.27 6.85
N SER A 28 -2.79 5.76 6.59
CA SER A 28 -2.43 7.20 6.68
C SER A 28 -3.22 8.04 5.65
N CYS A 29 -3.54 7.40 4.51
CA CYS A 29 -4.29 8.03 3.42
C CYS A 29 -5.80 8.08 3.74
N LEU A 30 -6.26 7.13 4.57
CA LEU A 30 -7.65 7.13 5.09
C LEU A 30 -7.82 8.29 6.11
N SER A 31 -6.67 8.82 6.59
CA SER A 31 -6.61 9.98 7.49
C SER A 31 -6.22 11.26 6.70
N ARG A 32 -6.22 11.18 5.35
CA ARG A 32 -5.79 12.28 4.47
C ARG A 32 -6.81 12.51 3.33
N GLU A 33 -7.30 13.75 3.22
CA GLU A 33 -8.07 14.24 2.06
C GLU A 33 -7.25 15.35 1.36
ZN ZN B . -1.60 6.18 -0.29
N GLY A 1 16.62 -15.08 -6.48
CA GLY A 1 15.92 -16.37 -6.28
C GLY A 1 14.56 -16.19 -5.63
N SER A 2 14.29 -16.95 -4.55
CA SER A 2 12.98 -16.96 -3.88
C SER A 2 12.79 -15.68 -3.02
N ARG A 3 11.88 -14.80 -3.47
CA ARG A 3 11.48 -13.59 -2.73
C ARG A 3 9.96 -13.38 -2.92
N GLN A 4 9.16 -13.84 -1.94
CA GLN A 4 7.70 -13.71 -1.99
C GLN A 4 7.27 -12.40 -1.32
N VAL A 5 6.66 -11.53 -2.13
CA VAL A 5 6.10 -10.24 -1.70
C VAL A 5 5.10 -9.74 -2.75
N THR A 6 3.86 -9.52 -2.32
CA THR A 6 2.78 -9.04 -3.20
C THR A 6 2.69 -7.50 -3.12
N LYS A 7 2.40 -6.87 -4.27
CA LYS A 7 2.24 -5.40 -4.38
C LYS A 7 0.84 -5.09 -4.91
N VAL A 8 0.15 -4.12 -4.29
CA VAL A 8 -1.22 -3.72 -4.69
C VAL A 8 -1.37 -2.19 -4.66
N ASP A 9 -2.48 -1.73 -5.24
CA ASP A 9 -2.82 -0.29 -5.38
C ASP A 9 -3.38 0.26 -4.05
N CYS A 10 -3.11 1.55 -3.80
CA CYS A 10 -3.60 2.26 -2.61
C CYS A 10 -4.99 2.85 -2.88
N PRO A 11 -6.07 2.31 -2.24
CA PRO A 11 -7.49 2.68 -2.56
C PRO A 11 -7.74 4.20 -2.51
N VAL A 12 -7.01 4.90 -1.63
CA VAL A 12 -7.23 6.33 -1.38
C VAL A 12 -6.47 7.22 -2.40
N CYS A 13 -5.17 6.92 -2.68
CA CYS A 13 -4.32 7.81 -3.53
C CYS A 13 -3.97 7.14 -4.90
N GLY A 14 -3.79 5.81 -4.92
CA GLY A 14 -3.69 5.05 -6.19
C GLY A 14 -2.30 4.57 -6.59
N VAL A 15 -1.34 4.56 -5.64
CA VAL A 15 0.05 4.07 -5.91
C VAL A 15 0.19 2.55 -5.65
N ASN A 16 1.01 1.88 -6.48
CA ASN A 16 1.35 0.44 -6.31
C ASN A 16 2.57 0.31 -5.39
N ILE A 17 2.45 -0.56 -4.37
CA ILE A 17 3.45 -0.72 -3.30
C ILE A 17 3.33 -2.11 -2.66
N PRO A 18 4.47 -2.67 -2.11
CA PRO A 18 4.47 -3.97 -1.41
C PRO A 18 3.54 -3.99 -0.18
N GLU A 19 3.18 -5.23 0.20
CA GLU A 19 2.17 -5.55 1.22
C GLU A 19 2.32 -4.76 2.54
N SER A 20 3.55 -4.61 3.03
CA SER A 20 3.85 -3.84 4.26
C SER A 20 3.55 -2.34 4.05
N HIS A 21 4.11 -1.78 2.94
CA HIS A 21 4.08 -0.35 2.64
C HIS A 21 2.63 0.09 2.34
N ILE A 22 1.83 -0.81 1.74
CA ILE A 22 0.43 -0.51 1.37
C ILE A 22 -0.48 -0.45 2.61
N ASN A 23 -0.34 -1.41 3.56
CA ASN A 23 -1.16 -1.39 4.81
C ASN A 23 -1.04 -0.03 5.52
N LYS A 24 0.22 0.45 5.65
CA LYS A 24 0.52 1.75 6.27
C LYS A 24 -0.01 2.92 5.40
N HIS A 25 0.21 2.85 4.05
CA HIS A 25 -0.12 3.97 3.14
C HIS A 25 -1.61 4.27 3.15
N LEU A 26 -2.42 3.22 2.89
CA LEU A 26 -3.88 3.36 2.77
C LEU A 26 -4.51 3.79 4.11
N ASP A 27 -3.89 3.36 5.23
CA ASP A 27 -4.32 3.72 6.59
C ASP A 27 -4.14 5.23 6.83
N SER A 28 -2.89 5.70 6.66
CA SER A 28 -2.50 7.10 6.83
C SER A 28 -3.15 8.01 5.75
N CYS A 29 -3.51 7.39 4.61
CA CYS A 29 -4.19 8.08 3.49
C CYS A 29 -5.68 8.28 3.78
N LEU A 30 -6.29 7.27 4.44
CA LEU A 30 -7.71 7.29 4.86
C LEU A 30 -7.91 8.32 5.99
N SER A 31 -6.81 8.58 6.74
CA SER A 31 -6.79 9.52 7.85
C SER A 31 -6.51 10.94 7.32
N ARG A 32 -5.28 11.18 6.82
CA ARG A 32 -4.90 12.44 6.15
C ARG A 32 -4.80 12.19 4.64
N GLU A 33 -5.66 12.88 3.86
CA GLU A 33 -5.66 12.80 2.38
C GLU A 33 -4.36 13.43 1.82
ZN ZN B . -1.62 6.09 -0.33
N GLY A 1 14.45 -15.64 -8.74
CA GLY A 1 13.77 -16.60 -7.84
C GLY A 1 12.32 -16.22 -7.57
N SER A 2 11.74 -16.79 -6.50
CA SER A 2 10.38 -16.50 -6.06
C SER A 2 10.33 -15.15 -5.32
N ARG A 3 9.80 -14.11 -6.00
CA ARG A 3 9.58 -12.79 -5.39
C ARG A 3 8.42 -12.87 -4.38
N GLN A 4 8.78 -13.27 -3.13
CA GLN A 4 7.81 -13.51 -2.05
C GLN A 4 7.47 -12.19 -1.35
N VAL A 5 6.73 -11.34 -2.09
CA VAL A 5 6.19 -10.05 -1.62
C VAL A 5 5.21 -9.54 -2.69
N THR A 6 3.95 -9.33 -2.27
CA THR A 6 2.89 -8.86 -3.17
C THR A 6 2.85 -7.32 -3.15
N LYS A 7 2.49 -6.72 -4.30
CA LYS A 7 2.31 -5.26 -4.42
C LYS A 7 0.92 -4.97 -4.99
N VAL A 8 0.20 -4.03 -4.36
CA VAL A 8 -1.15 -3.63 -4.77
C VAL A 8 -1.27 -2.09 -4.76
N ASP A 9 -2.29 -1.58 -5.46
CA ASP A 9 -2.56 -0.14 -5.56
C ASP A 9 -3.32 0.37 -4.31
N CYS A 10 -3.03 1.61 -3.92
CA CYS A 10 -3.57 2.24 -2.70
C CYS A 10 -4.99 2.75 -2.98
N PRO A 11 -6.04 2.22 -2.26
CA PRO A 11 -7.46 2.51 -2.57
C PRO A 11 -7.80 4.01 -2.49
N VAL A 12 -7.02 4.73 -1.65
CA VAL A 12 -7.23 6.16 -1.40
C VAL A 12 -6.51 7.05 -2.44
N CYS A 13 -5.15 6.92 -2.59
CA CYS A 13 -4.35 7.86 -3.44
C CYS A 13 -3.94 7.23 -4.79
N GLY A 14 -3.94 5.88 -4.87
CA GLY A 14 -3.81 5.15 -6.15
C GLY A 14 -2.38 4.93 -6.58
N VAL A 15 -1.52 4.49 -5.64
CA VAL A 15 -0.11 4.15 -5.94
C VAL A 15 0.16 2.67 -5.65
N ASN A 16 0.93 2.01 -6.54
CA ASN A 16 1.34 0.61 -6.36
C ASN A 16 2.52 0.54 -5.37
N ILE A 17 2.39 -0.35 -4.39
CA ILE A 17 3.28 -0.42 -3.21
C ILE A 17 3.27 -1.84 -2.62
N PRO A 18 4.40 -2.32 -1.99
CA PRO A 18 4.46 -3.66 -1.36
C PRO A 18 3.48 -3.79 -0.18
N GLU A 19 3.19 -5.04 0.19
CA GLU A 19 2.18 -5.41 1.19
C GLU A 19 2.35 -4.67 2.54
N SER A 20 3.59 -4.48 2.97
CA SER A 20 3.92 -3.73 4.19
C SER A 20 3.54 -2.23 4.03
N HIS A 21 3.95 -1.65 2.88
CA HIS A 21 3.81 -0.21 2.63
C HIS A 21 2.37 0.15 2.27
N ILE A 22 1.56 -0.81 1.74
CA ILE A 22 0.15 -0.54 1.40
C ILE A 22 -0.71 -0.46 2.66
N ASN A 23 -0.54 -1.42 3.60
CA ASN A 23 -1.28 -1.39 4.88
C ASN A 23 -1.04 -0.04 5.61
N LYS A 24 0.25 0.36 5.62
CA LYS A 24 0.69 1.63 6.22
C LYS A 24 0.16 2.86 5.43
N HIS A 25 0.21 2.79 4.07
CA HIS A 25 -0.12 3.95 3.19
C HIS A 25 -1.60 4.25 3.27
N LEU A 26 -2.42 3.23 3.00
CA LEU A 26 -3.89 3.35 2.94
C LEU A 26 -4.43 3.81 4.30
N ASP A 27 -3.77 3.37 5.40
CA ASP A 27 -4.09 3.79 6.78
C ASP A 27 -3.95 5.33 6.94
N SER A 28 -2.74 5.83 6.64
CA SER A 28 -2.39 7.27 6.74
C SER A 28 -3.16 8.10 5.69
N CYS A 29 -3.52 7.46 4.57
CA CYS A 29 -4.21 8.07 3.44
C CYS A 29 -5.71 8.22 3.70
N LEU A 30 -6.31 7.22 4.37
CA LEU A 30 -7.75 7.22 4.74
C LEU A 30 -7.93 8.16 5.95
N SER A 31 -6.83 8.37 6.70
CA SER A 31 -6.80 9.25 7.86
C SER A 31 -6.85 10.73 7.42
N ARG A 32 -5.88 11.14 6.58
CA ARG A 32 -5.76 12.52 6.08
C ARG A 32 -5.59 12.54 4.55
N GLU A 33 -5.96 13.67 3.94
CA GLU A 33 -5.92 13.89 2.48
C GLU A 33 -5.35 15.29 2.18
ZN ZN B . -1.64 6.08 -0.35
N GLY A 1 10.45 -15.01 -8.37
CA GLY A 1 10.13 -15.10 -6.92
C GLY A 1 11.37 -15.06 -6.06
N SER A 2 11.97 -13.86 -5.95
CA SER A 2 13.15 -13.60 -5.08
C SER A 2 12.77 -13.74 -3.58
N ARG A 3 11.53 -13.29 -3.26
CA ARG A 3 10.93 -13.43 -1.92
C ARG A 3 9.40 -13.37 -2.05
N GLN A 4 8.67 -14.02 -1.11
CA GLN A 4 7.19 -14.02 -1.11
C GLN A 4 6.65 -12.79 -0.37
N VAL A 5 6.15 -11.82 -1.15
CA VAL A 5 5.55 -10.58 -0.66
C VAL A 5 4.66 -9.99 -1.78
N THR A 6 3.41 -9.67 -1.43
CA THR A 6 2.40 -9.21 -2.40
C THR A 6 2.31 -7.67 -2.40
N LYS A 7 2.15 -7.08 -3.59
CA LYS A 7 1.95 -5.62 -3.75
C LYS A 7 0.54 -5.35 -4.25
N VAL A 8 -0.09 -4.25 -3.77
CA VAL A 8 -1.44 -3.84 -4.21
C VAL A 8 -1.54 -2.30 -4.30
N ASP A 9 -2.65 -1.82 -4.88
CA ASP A 9 -2.94 -0.37 -5.06
C ASP A 9 -3.47 0.26 -3.76
N CYS A 10 -3.12 1.53 -3.52
CA CYS A 10 -3.59 2.31 -2.35
C CYS A 10 -4.94 2.92 -2.68
N PRO A 11 -6.08 2.30 -2.20
CA PRO A 11 -7.45 2.66 -2.66
C PRO A 11 -7.82 4.17 -2.49
N VAL A 12 -7.04 4.88 -1.65
CA VAL A 12 -7.25 6.31 -1.40
C VAL A 12 -6.51 7.19 -2.46
N CYS A 13 -5.16 7.01 -2.59
CA CYS A 13 -4.32 7.91 -3.45
C CYS A 13 -3.91 7.24 -4.78
N GLY A 14 -3.70 5.92 -4.76
CA GLY A 14 -3.46 5.14 -5.98
C GLY A 14 -2.00 4.87 -6.30
N VAL A 15 -1.26 4.31 -5.32
CA VAL A 15 0.15 3.88 -5.51
C VAL A 15 0.29 2.37 -5.26
N ASN A 16 1.17 1.72 -6.05
CA ASN A 16 1.45 0.27 -5.94
C ASN A 16 2.69 0.03 -5.06
N ILE A 17 2.51 -0.75 -3.97
CA ILE A 17 3.59 -1.03 -2.98
C ILE A 17 3.32 -2.36 -2.24
N PRO A 18 4.40 -3.04 -1.69
CA PRO A 18 4.26 -4.32 -0.92
C PRO A 18 3.36 -4.21 0.31
N GLU A 19 2.87 -5.39 0.75
CA GLU A 19 1.79 -5.56 1.76
C GLU A 19 1.99 -4.73 3.05
N SER A 20 3.25 -4.56 3.48
CA SER A 20 3.60 -3.76 4.67
C SER A 20 3.44 -2.25 4.41
N HIS A 21 4.06 -1.79 3.29
CA HIS A 21 4.11 -0.35 2.94
C HIS A 21 2.72 0.14 2.48
N ILE A 22 1.95 -0.75 1.84
CA ILE A 22 0.63 -0.39 1.29
C ILE A 22 -0.43 -0.33 2.37
N ASN A 23 -0.36 -1.26 3.36
CA ASN A 23 -1.30 -1.27 4.50
C ASN A 23 -1.16 0.04 5.29
N LYS A 24 0.12 0.46 5.48
CA LYS A 24 0.44 1.74 6.12
C LYS A 24 -0.06 2.90 5.24
N HIS A 25 0.21 2.85 3.91
CA HIS A 25 -0.06 3.98 3.01
C HIS A 25 -1.55 4.29 2.94
N LEU A 26 -2.38 3.24 2.80
CA LEU A 26 -3.83 3.41 2.66
C LEU A 26 -4.47 3.80 4.00
N ASP A 27 -3.89 3.29 5.11
CA ASP A 27 -4.36 3.59 6.48
C ASP A 27 -4.13 5.08 6.80
N SER A 28 -2.89 5.52 6.60
CA SER A 28 -2.47 6.90 6.76
C SER A 28 -3.26 7.82 5.81
N CYS A 29 -3.37 7.39 4.53
CA CYS A 29 -4.10 8.13 3.48
C CYS A 29 -5.62 8.27 3.79
N LEU A 30 -6.19 7.26 4.47
CA LEU A 30 -7.63 7.21 4.81
C LEU A 30 -7.92 8.21 5.97
N SER A 31 -6.88 8.53 6.75
CA SER A 31 -6.99 9.37 7.97
C SER A 31 -6.30 10.75 7.78
N ARG A 32 -5.46 10.87 6.73
CA ARG A 32 -4.64 12.08 6.47
C ARG A 32 -4.80 12.52 5.00
N GLU A 33 -4.11 13.60 4.65
CA GLU A 33 -4.06 14.13 3.29
C GLU A 33 -3.02 13.33 2.45
ZN ZN B . -1.53 6.23 -0.31
N GLY A 1 14.17 -20.24 -1.32
CA GLY A 1 14.56 -18.87 -1.72
C GLY A 1 13.55 -18.20 -2.63
N SER A 2 12.28 -18.19 -2.20
CA SER A 2 11.21 -17.45 -2.88
C SER A 2 11.04 -16.08 -2.20
N ARG A 3 11.30 -14.98 -2.95
CA ARG A 3 11.10 -13.61 -2.46
C ARG A 3 9.59 -13.30 -2.42
N GLN A 4 8.92 -13.80 -1.36
CA GLN A 4 7.46 -13.75 -1.23
C GLN A 4 7.03 -12.42 -0.58
N VAL A 5 6.46 -11.54 -1.42
CA VAL A 5 5.89 -10.25 -1.02
C VAL A 5 4.96 -9.78 -2.15
N THR A 6 3.69 -9.53 -1.81
CA THR A 6 2.68 -9.09 -2.76
C THR A 6 2.59 -7.55 -2.74
N LYS A 7 2.22 -6.96 -3.88
CA LYS A 7 2.04 -5.50 -4.02
C LYS A 7 0.62 -5.21 -4.50
N VAL A 8 -0.01 -4.15 -3.97
CA VAL A 8 -1.40 -3.77 -4.35
C VAL A 8 -1.53 -2.24 -4.42
N ASP A 9 -2.65 -1.77 -5.00
CA ASP A 9 -2.98 -0.34 -5.18
C ASP A 9 -3.52 0.27 -3.87
N CYS A 10 -3.19 1.55 -3.63
CA CYS A 10 -3.68 2.31 -2.47
C CYS A 10 -5.07 2.84 -2.80
N PRO A 11 -6.16 2.27 -2.20
CA PRO A 11 -7.56 2.61 -2.60
C PRO A 11 -7.89 4.11 -2.48
N VAL A 12 -7.05 4.83 -1.70
CA VAL A 12 -7.17 6.27 -1.48
C VAL A 12 -6.44 7.10 -2.58
N CYS A 13 -5.10 6.86 -2.76
CA CYS A 13 -4.23 7.79 -3.56
C CYS A 13 -3.65 7.13 -4.84
N GLY A 14 -3.93 5.83 -5.03
CA GLY A 14 -3.70 5.14 -6.31
C GLY A 14 -2.25 4.78 -6.59
N VAL A 15 -1.49 4.45 -5.54
CA VAL A 15 -0.07 4.05 -5.67
C VAL A 15 0.12 2.55 -5.36
N ASN A 16 0.91 1.86 -6.20
CA ASN A 16 1.24 0.44 -6.00
C ASN A 16 2.51 0.31 -5.15
N ILE A 17 2.42 -0.51 -4.09
CA ILE A 17 3.53 -0.76 -3.15
C ILE A 17 3.35 -2.13 -2.46
N PRO A 18 4.47 -2.76 -1.96
CA PRO A 18 4.42 -4.02 -1.18
C PRO A 18 3.51 -3.97 0.06
N GLU A 19 3.09 -5.18 0.48
CA GLU A 19 2.06 -5.42 1.52
C GLU A 19 2.30 -4.62 2.83
N SER A 20 3.57 -4.47 3.22
CA SER A 20 3.95 -3.72 4.42
C SER A 20 3.66 -2.21 4.25
N HIS A 21 4.16 -1.61 3.16
CA HIS A 21 4.10 -0.16 2.96
C HIS A 21 2.72 0.28 2.44
N ILE A 22 1.95 -0.64 1.80
CA ILE A 22 0.63 -0.32 1.24
C ILE A 22 -0.46 -0.29 2.32
N ASN A 23 -0.43 -1.28 3.25
CA ASN A 23 -1.38 -1.31 4.39
C ASN A 23 -1.16 -0.08 5.28
N LYS A 24 0.11 0.30 5.46
CA LYS A 24 0.49 1.54 6.17
C LYS A 24 0.02 2.78 5.37
N HIS A 25 0.23 2.77 4.03
CA HIS A 25 -0.07 3.94 3.16
C HIS A 25 -1.56 4.27 3.20
N LEU A 26 -2.40 3.26 2.93
CA LEU A 26 -3.86 3.43 2.78
C LEU A 26 -4.50 3.80 4.13
N ASP A 27 -3.89 3.31 5.23
CA ASP A 27 -4.30 3.66 6.61
C ASP A 27 -4.13 5.16 6.87
N SER A 28 -2.90 5.64 6.66
CA SER A 28 -2.50 7.04 6.88
C SER A 28 -3.16 7.97 5.84
N CYS A 29 -3.46 7.41 4.65
CA CYS A 29 -4.08 8.14 3.53
C CYS A 29 -5.57 8.38 3.78
N LEU A 30 -6.26 7.37 4.35
CA LEU A 30 -7.69 7.48 4.74
C LEU A 30 -7.81 8.46 5.94
N SER A 31 -6.70 8.57 6.68
CA SER A 31 -6.57 9.43 7.88
C SER A 31 -6.10 10.87 7.50
N ARG A 32 -6.10 11.20 6.19
CA ARG A 32 -5.59 12.50 5.69
C ARG A 32 -6.50 13.07 4.59
N GLU A 33 -7.05 12.19 3.74
CA GLU A 33 -7.84 12.59 2.56
C GLU A 33 -9.29 12.95 2.99
ZN ZN B . -1.54 6.17 -0.28
#